data_1ZV7
# 
_entry.id   1ZV7 
# 
_audit_conform.dict_name       mmcif_pdbx.dic 
_audit_conform.dict_version    5.387 
_audit_conform.dict_location   http://mmcif.pdb.org/dictionaries/ascii/mmcif_pdbx.dic 
# 
loop_
_database_2.database_id 
_database_2.database_code 
_database_2.pdbx_database_accession 
_database_2.pdbx_DOI 
PDB   1ZV7         pdb_00001zv7 10.2210/pdb1zv7/pdb 
RCSB  RCSB033158   ?            ?                   
WWPDB D_1000033158 ?            ?                   
# 
loop_
_pdbx_audit_revision_history.ordinal 
_pdbx_audit_revision_history.data_content_type 
_pdbx_audit_revision_history.major_revision 
_pdbx_audit_revision_history.minor_revision 
_pdbx_audit_revision_history.revision_date 
1 'Structure model' 1 0 2006-05-16 
2 'Structure model' 1 1 2008-04-30 
3 'Structure model' 1 2 2011-07-13 
4 'Structure model' 1 3 2024-02-14 
# 
_pdbx_audit_revision_details.ordinal             1 
_pdbx_audit_revision_details.revision_ordinal    1 
_pdbx_audit_revision_details.data_content_type   'Structure model' 
_pdbx_audit_revision_details.provider            repository 
_pdbx_audit_revision_details.type                'Initial release' 
_pdbx_audit_revision_details.description         ? 
_pdbx_audit_revision_details.details             ? 
# 
loop_
_pdbx_audit_revision_group.ordinal 
_pdbx_audit_revision_group.revision_ordinal 
_pdbx_audit_revision_group.data_content_type 
_pdbx_audit_revision_group.group 
1 2 'Structure model' 'Version format compliance' 
2 3 'Structure model' Advisory                    
3 3 'Structure model' 'Version format compliance' 
4 4 'Structure model' 'Data collection'           
5 4 'Structure model' 'Database references'       
6 4 'Structure model' 'Derived calculations'      
# 
loop_
_pdbx_audit_revision_category.ordinal 
_pdbx_audit_revision_category.revision_ordinal 
_pdbx_audit_revision_category.data_content_type 
_pdbx_audit_revision_category.category 
1 4 'Structure model' chem_comp_atom 
2 4 'Structure model' chem_comp_bond 
3 4 'Structure model' database_2     
4 4 'Structure model' struct_site    
# 
loop_
_pdbx_audit_revision_item.ordinal 
_pdbx_audit_revision_item.revision_ordinal 
_pdbx_audit_revision_item.data_content_type 
_pdbx_audit_revision_item.item 
1 4 'Structure model' '_database_2.pdbx_DOI'                
2 4 'Structure model' '_database_2.pdbx_database_accession' 
3 4 'Structure model' '_struct_site.pdbx_auth_asym_id'      
4 4 'Structure model' '_struct_site.pdbx_auth_comp_id'      
5 4 'Structure model' '_struct_site.pdbx_auth_seq_id'       
# 
_pdbx_database_status.status_code                     REL 
_pdbx_database_status.entry_id                        1ZV7 
_pdbx_database_status.recvd_initial_deposition_date   2005-06-01 
_pdbx_database_status.deposit_site                    RCSB 
_pdbx_database_status.process_site                    RCSB 
_pdbx_database_status.status_code_sf                  REL 
_pdbx_database_status.status_code_mr                  ? 
_pdbx_database_status.SG_entry                        ? 
_pdbx_database_status.pdb_format_compatible           Y 
_pdbx_database_status.status_code_cs                  ? 
_pdbx_database_status.status_code_nmr_data            ? 
_pdbx_database_status.methods_development_category    ? 
# 
loop_
_pdbx_database_related.db_name 
_pdbx_database_related.db_id 
_pdbx_database_related.details 
_pdbx_database_related.content_type 
PDB 1ZV8 'A structure-based mechanism of SARS virus membrane fusion' unspecified 
PDB 1ZVA 'A structure-based mechanism of SARS virus membrane fusion' unspecified 
PDB 1ZVB 'A structure-based mechanism of SARS virus membrane fusion' unspecified 
# 
loop_
_audit_author.name 
_audit_author.pdbx_ordinal 
'Deng, Y.'  1 
'Liu, J.'   2 
'Zheng, Q.' 3 
'Yong, W.'  4 
'Dai, J.'   5 
'Lu, M.'    6 
# 
_citation.id                        primary 
_citation.title                     
'Structures and Polymorphic Interactions of Two Heptad-Repeat Regions of the SARS Virus S2 Protein.' 
_citation.journal_abbrev            Structure 
_citation.journal_volume            14 
_citation.page_first                889 
_citation.page_last                 899 
_citation.year                      2006 
_citation.journal_id_ASTM           STRUE6 
_citation.country                   UK 
_citation.journal_id_ISSN           0969-2126 
_citation.journal_id_CSD            2005 
_citation.book_publisher            ? 
_citation.pdbx_database_id_PubMed   16698550 
_citation.pdbx_database_id_DOI      10.1016/j.str.2006.03.007 
# 
loop_
_citation_author.citation_id 
_citation_author.name 
_citation_author.ordinal 
_citation_author.identifier_ORCID 
primary 'Deng, Y.'  1 ? 
primary 'Liu, J.'   2 ? 
primary 'Zheng, Q.' 3 ? 
primary 'Yong, W.'  4 ? 
primary 'Lu, M.'    5 ? 
# 
loop_
_entity.id 
_entity.type 
_entity.src_method 
_entity.pdbx_description 
_entity.formula_weight 
_entity.pdbx_number_of_molecules 
_entity.pdbx_ec 
_entity.pdbx_mutation 
_entity.pdbx_fragment 
_entity.details 
1 polymer     man 'spike glycoprotein' 5023.628 2  ? ? 'residues 1150-1193' ? 
2 non-polymer syn 'CHLORIDE ION'       35.453   1  ? ? ?                    ? 
3 water       nat water                18.015   73 ? ? ?                    ? 
# 
_entity_name_com.entity_id   1 
_entity_name_com.name        'Spike glycoprotein, Peplomer protein' 
# 
_entity_poly.entity_id                      1 
_entity_poly.type                           'polypeptide(L)' 
_entity_poly.nstd_linkage                   no 
_entity_poly.nstd_monomer                   no 
_entity_poly.pdbx_seq_one_letter_code       DISGINASVVNIQKEIDRLNEVAKNLNESLIDLQELGKYEQYIK 
_entity_poly.pdbx_seq_one_letter_code_can   DISGINASVVNIQKEIDRLNEVAKNLNESLIDLQELGKYEQYIK 
_entity_poly.pdbx_strand_id                 A,B 
_entity_poly.pdbx_target_identifier         ? 
# 
loop_
_pdbx_entity_nonpoly.entity_id 
_pdbx_entity_nonpoly.name 
_pdbx_entity_nonpoly.comp_id 
2 'CHLORIDE ION' CL  
3 water          HOH 
# 
loop_
_entity_poly_seq.entity_id 
_entity_poly_seq.num 
_entity_poly_seq.mon_id 
_entity_poly_seq.hetero 
1 1  ASP n 
1 2  ILE n 
1 3  SER n 
1 4  GLY n 
1 5  ILE n 
1 6  ASN n 
1 7  ALA n 
1 8  SER n 
1 9  VAL n 
1 10 VAL n 
1 11 ASN n 
1 12 ILE n 
1 13 GLN n 
1 14 LYS n 
1 15 GLU n 
1 16 ILE n 
1 17 ASP n 
1 18 ARG n 
1 19 LEU n 
1 20 ASN n 
1 21 GLU n 
1 22 VAL n 
1 23 ALA n 
1 24 LYS n 
1 25 ASN n 
1 26 LEU n 
1 27 ASN n 
1 28 GLU n 
1 29 SER n 
1 30 LEU n 
1 31 ILE n 
1 32 ASP n 
1 33 LEU n 
1 34 GLN n 
1 35 GLU n 
1 36 LEU n 
1 37 GLY n 
1 38 LYS n 
1 39 TYR n 
1 40 GLU n 
1 41 GLN n 
1 42 TYR n 
1 43 ILE n 
1 44 LYS n 
# 
_entity_src_gen.entity_id                          1 
_entity_src_gen.pdbx_src_id                        1 
_entity_src_gen.pdbx_alt_source_flag               sample 
_entity_src_gen.pdbx_seq_type                      ? 
_entity_src_gen.pdbx_beg_seq_num                   ? 
_entity_src_gen.pdbx_end_seq_num                   ? 
_entity_src_gen.gene_src_common_name               ? 
_entity_src_gen.gene_src_genus                     Coronavirus 
_entity_src_gen.pdbx_gene_src_gene                 S 
_entity_src_gen.gene_src_species                   'SARS coronavirus' 
_entity_src_gen.gene_src_strain                    SARS 
_entity_src_gen.gene_src_tissue                    ? 
_entity_src_gen.gene_src_tissue_fraction           ? 
_entity_src_gen.gene_src_details                   ? 
_entity_src_gen.pdbx_gene_src_fragment             ? 
_entity_src_gen.pdbx_gene_src_scientific_name      'SARS coronavirus FRA' 
_entity_src_gen.pdbx_gene_src_ncbi_taxonomy_id     242743 
_entity_src_gen.pdbx_gene_src_variant              ? 
_entity_src_gen.pdbx_gene_src_cell_line            ? 
_entity_src_gen.pdbx_gene_src_atcc                 ? 
_entity_src_gen.pdbx_gene_src_organ                ? 
_entity_src_gen.pdbx_gene_src_organelle            ? 
_entity_src_gen.pdbx_gene_src_cell                 ? 
_entity_src_gen.pdbx_gene_src_cellular_location    ? 
_entity_src_gen.host_org_common_name               ? 
_entity_src_gen.pdbx_host_org_scientific_name      'Escherichia coli' 
_entity_src_gen.pdbx_host_org_ncbi_taxonomy_id     562 
_entity_src_gen.host_org_genus                     Escherichia 
_entity_src_gen.pdbx_host_org_gene                 ? 
_entity_src_gen.pdbx_host_org_organ                ? 
_entity_src_gen.host_org_species                   ? 
_entity_src_gen.pdbx_host_org_tissue               ? 
_entity_src_gen.pdbx_host_org_tissue_fraction      ? 
_entity_src_gen.pdbx_host_org_strain               BL21/pLysis 
_entity_src_gen.pdbx_host_org_variant              ? 
_entity_src_gen.pdbx_host_org_cell_line            ? 
_entity_src_gen.pdbx_host_org_atcc                 ? 
_entity_src_gen.pdbx_host_org_culture_collection   ? 
_entity_src_gen.pdbx_host_org_cell                 ? 
_entity_src_gen.pdbx_host_org_organelle            ? 
_entity_src_gen.pdbx_host_org_cellular_location    ? 
_entity_src_gen.pdbx_host_org_vector_type          PLASMID 
_entity_src_gen.pdbx_host_org_vector               ? 
_entity_src_gen.host_org_details                   ? 
_entity_src_gen.expression_system_id               ? 
_entity_src_gen.plasmid_name                       pC44 
_entity_src_gen.plasmid_details                    ? 
_entity_src_gen.pdbx_description                   ? 
# 
loop_
_chem_comp.id 
_chem_comp.type 
_chem_comp.mon_nstd_flag 
_chem_comp.name 
_chem_comp.pdbx_synonyms 
_chem_comp.formula 
_chem_comp.formula_weight 
ALA 'L-peptide linking' y ALANINE         ? 'C3 H7 N O2'     89.093  
ARG 'L-peptide linking' y ARGININE        ? 'C6 H15 N4 O2 1' 175.209 
ASN 'L-peptide linking' y ASPARAGINE      ? 'C4 H8 N2 O3'    132.118 
ASP 'L-peptide linking' y 'ASPARTIC ACID' ? 'C4 H7 N O4'     133.103 
CL  non-polymer         . 'CHLORIDE ION'  ? 'Cl -1'          35.453  
GLN 'L-peptide linking' y GLUTAMINE       ? 'C5 H10 N2 O3'   146.144 
GLU 'L-peptide linking' y 'GLUTAMIC ACID' ? 'C5 H9 N O4'     147.129 
GLY 'peptide linking'   y GLYCINE         ? 'C2 H5 N O2'     75.067  
HOH non-polymer         . WATER           ? 'H2 O'           18.015  
ILE 'L-peptide linking' y ISOLEUCINE      ? 'C6 H13 N O2'    131.173 
LEU 'L-peptide linking' y LEUCINE         ? 'C6 H13 N O2'    131.173 
LYS 'L-peptide linking' y LYSINE          ? 'C6 H15 N2 O2 1' 147.195 
SER 'L-peptide linking' y SERINE          ? 'C3 H7 N O3'     105.093 
TYR 'L-peptide linking' y TYROSINE        ? 'C9 H11 N O3'    181.189 
VAL 'L-peptide linking' y VALINE          ? 'C5 H11 N O2'    117.146 
# 
loop_
_pdbx_poly_seq_scheme.asym_id 
_pdbx_poly_seq_scheme.entity_id 
_pdbx_poly_seq_scheme.seq_id 
_pdbx_poly_seq_scheme.mon_id 
_pdbx_poly_seq_scheme.ndb_seq_num 
_pdbx_poly_seq_scheme.pdb_seq_num 
_pdbx_poly_seq_scheme.auth_seq_num 
_pdbx_poly_seq_scheme.pdb_mon_id 
_pdbx_poly_seq_scheme.auth_mon_id 
_pdbx_poly_seq_scheme.pdb_strand_id 
_pdbx_poly_seq_scheme.pdb_ins_code 
_pdbx_poly_seq_scheme.hetero 
A 1 1  ASP 1  1  1  ASP ASP A . n 
A 1 2  ILE 2  2  2  ILE ILE A . n 
A 1 3  SER 3  3  3  SER SER A . n 
A 1 4  GLY 4  4  4  GLY GLY A . n 
A 1 5  ILE 5  5  5  ILE ILE A . n 
A 1 6  ASN 6  6  6  ASN ASN A . n 
A 1 7  ALA 7  7  7  ALA ALA A . n 
A 1 8  SER 8  8  8  SER SER A . n 
A 1 9  VAL 9  9  9  VAL VAL A . n 
A 1 10 VAL 10 10 10 VAL VAL A . n 
A 1 11 ASN 11 11 11 ASN ASN A . n 
A 1 12 ILE 12 12 12 ILE ILE A . n 
A 1 13 GLN 13 13 13 GLN GLN A . n 
A 1 14 LYS 14 14 14 LYS LYS A . n 
A 1 15 GLU 15 15 15 GLU GLU A . n 
A 1 16 ILE 16 16 16 ILE ILE A . n 
A 1 17 ASP 17 17 17 ASP ASP A . n 
A 1 18 ARG 18 18 18 ARG ARG A . n 
A 1 19 LEU 19 19 19 LEU LEU A . n 
A 1 20 ASN 20 20 20 ASN ASN A . n 
A 1 21 GLU 21 21 21 GLU GLU A . n 
A 1 22 VAL 22 22 22 VAL VAL A . n 
A 1 23 ALA 23 23 23 ALA ALA A . n 
A 1 24 LYS 24 24 24 LYS LYS A . n 
A 1 25 ASN 25 25 25 ASN ASN A . n 
A 1 26 LEU 26 26 26 LEU LEU A . n 
A 1 27 ASN 27 27 27 ASN ASN A . n 
A 1 28 GLU 28 28 28 GLU GLU A . n 
A 1 29 SER 29 29 29 SER SER A . n 
A 1 30 LEU 30 30 30 LEU LEU A . n 
A 1 31 ILE 31 31 31 ILE ILE A . n 
A 1 32 ASP 32 32 32 ASP ASP A . n 
A 1 33 LEU 33 33 33 LEU LEU A . n 
A 1 34 GLN 34 34 34 GLN GLN A . n 
A 1 35 GLU 35 35 35 GLU GLU A . n 
A 1 36 LEU 36 36 36 LEU LEU A . n 
A 1 37 GLY 37 37 37 GLY GLY A . n 
A 1 38 LYS 38 38 38 LYS LYS A . n 
A 1 39 TYR 39 39 ?  ?   ?   A . n 
A 1 40 GLU 40 40 ?  ?   ?   A . n 
A 1 41 GLN 41 41 ?  ?   ?   A . n 
A 1 42 TYR 42 42 ?  ?   ?   A . n 
A 1 43 ILE 43 43 ?  ?   ?   A . n 
A 1 44 LYS 44 44 ?  ?   ?   A . n 
B 1 1  ASP 1  1  ?  ?   ?   B . n 
B 1 2  ILE 2  2  ?  ?   ?   B . n 
B 1 3  SER 3  3  ?  ?   ?   B . n 
B 1 4  GLY 4  4  4  GLY GLY B . n 
B 1 5  ILE 5  5  5  ILE ILE B . n 
B 1 6  ASN 6  6  6  ASN ASN B . n 
B 1 7  ALA 7  7  7  ALA ALA B . n 
B 1 8  SER 8  8  8  SER SER B . n 
B 1 9  VAL 9  9  9  VAL VAL B . n 
B 1 10 VAL 10 10 10 VAL VAL B . n 
B 1 11 ASN 11 11 11 ASN ASN B . n 
B 1 12 ILE 12 12 12 ILE ILE B . n 
B 1 13 GLN 13 13 13 GLN GLN B . n 
B 1 14 LYS 14 14 14 LYS LYS B . n 
B 1 15 GLU 15 15 15 GLU GLU B . n 
B 1 16 ILE 16 16 16 ILE ILE B . n 
B 1 17 ASP 17 17 17 ASP ASP B . n 
B 1 18 ARG 18 18 18 ARG ARG B . n 
B 1 19 LEU 19 19 19 LEU LEU B . n 
B 1 20 ASN 20 20 20 ASN ASN B . n 
B 1 21 GLU 21 21 21 GLU GLU B . n 
B 1 22 VAL 22 22 22 VAL VAL B . n 
B 1 23 ALA 23 23 23 ALA ALA B . n 
B 1 24 LYS 24 24 24 LYS LYS B . n 
B 1 25 ASN 25 25 25 ASN ASN B . n 
B 1 26 LEU 26 26 26 LEU LEU B . n 
B 1 27 ASN 27 27 27 ASN ASN B . n 
B 1 28 GLU 28 28 28 GLU GLU B . n 
B 1 29 SER 29 29 29 SER SER B . n 
B 1 30 LEU 30 30 30 LEU LEU B . n 
B 1 31 ILE 31 31 31 ILE ILE B . n 
B 1 32 ASP 32 32 32 ASP ASP B . n 
B 1 33 LEU 33 33 33 LEU LEU B . n 
B 1 34 GLN 34 34 34 GLN GLN B . n 
B 1 35 GLU 35 35 35 GLU GLU B . n 
B 1 36 LEU 36 36 36 LEU LEU B . n 
B 1 37 GLY 37 37 ?  ?   ?   B . n 
B 1 38 LYS 38 38 ?  ?   ?   B . n 
B 1 39 TYR 39 39 ?  ?   ?   B . n 
B 1 40 GLU 40 40 ?  ?   ?   B . n 
B 1 41 GLN 41 41 ?  ?   ?   B . n 
B 1 42 TYR 42 42 ?  ?   ?   B . n 
B 1 43 ILE 43 43 ?  ?   ?   B . n 
B 1 44 LYS 44 44 ?  ?   ?   B . n 
# 
loop_
_pdbx_nonpoly_scheme.asym_id 
_pdbx_nonpoly_scheme.entity_id 
_pdbx_nonpoly_scheme.mon_id 
_pdbx_nonpoly_scheme.ndb_seq_num 
_pdbx_nonpoly_scheme.pdb_seq_num 
_pdbx_nonpoly_scheme.auth_seq_num 
_pdbx_nonpoly_scheme.pdb_mon_id 
_pdbx_nonpoly_scheme.auth_mon_id 
_pdbx_nonpoly_scheme.pdb_strand_id 
_pdbx_nonpoly_scheme.pdb_ins_code 
C 2 CL  1  1001 1001 CL  CL  B . 
D 3 HOH 1  45   1    HOH HOH A . 
D 3 HOH 2  46   2    HOH HOH A . 
D 3 HOH 3  47   3    HOH HOH A . 
D 3 HOH 4  48   4    HOH HOH A . 
D 3 HOH 5  49   5    HOH HOH A . 
D 3 HOH 6  50   6    HOH HOH A . 
D 3 HOH 7  51   7    HOH HOH A . 
D 3 HOH 8  52   13   HOH HOH A . 
D 3 HOH 9  53   16   HOH HOH A . 
D 3 HOH 10 54   17   HOH HOH A . 
D 3 HOH 11 55   18   HOH HOH A . 
D 3 HOH 12 56   19   HOH HOH A . 
D 3 HOH 13 57   21   HOH HOH A . 
D 3 HOH 14 58   25   HOH HOH A . 
D 3 HOH 15 59   26   HOH HOH A . 
D 3 HOH 16 60   27   HOH HOH A . 
D 3 HOH 17 61   28   HOH HOH A . 
D 3 HOH 18 62   29   HOH HOH A . 
D 3 HOH 19 63   30   HOH HOH A . 
D 3 HOH 20 64   33   HOH HOH A . 
D 3 HOH 21 65   35   HOH HOH A . 
D 3 HOH 22 66   36   HOH HOH A . 
D 3 HOH 23 67   37   HOH HOH A . 
D 3 HOH 24 68   38   HOH HOH A . 
D 3 HOH 25 69   39   HOH HOH A . 
D 3 HOH 26 70   41   HOH HOH A . 
D 3 HOH 27 71   43   HOH HOH A . 
D 3 HOH 28 72   44   HOH HOH A . 
D 3 HOH 29 73   46   HOH HOH A . 
D 3 HOH 30 74   47   HOH HOH A . 
D 3 HOH 31 75   48   HOH HOH A . 
D 3 HOH 32 76   49   HOH HOH A . 
D 3 HOH 33 77   53   HOH HOH A . 
D 3 HOH 34 78   55   HOH HOH A . 
D 3 HOH 35 79   59   HOH HOH A . 
D 3 HOH 36 80   65   HOH HOH A . 
D 3 HOH 37 81   66   HOH HOH A . 
D 3 HOH 38 82   67   HOH HOH A . 
D 3 HOH 39 83   69   HOH HOH A . 
D 3 HOH 40 84   70   HOH HOH A . 
D 3 HOH 41 85   72   HOH HOH A . 
D 3 HOH 42 86   73   HOH HOH A . 
E 3 HOH 1  1002 8    HOH HOH B . 
E 3 HOH 2  1003 9    HOH HOH B . 
E 3 HOH 3  1004 10   HOH HOH B . 
E 3 HOH 4  1005 11   HOH HOH B . 
E 3 HOH 5  1006 12   HOH HOH B . 
E 3 HOH 6  1007 14   HOH HOH B . 
E 3 HOH 7  1008 15   HOH HOH B . 
E 3 HOH 8  1009 20   HOH HOH B . 
E 3 HOH 9  1010 22   HOH HOH B . 
E 3 HOH 10 1011 23   HOH HOH B . 
E 3 HOH 11 1012 24   HOH HOH B . 
E 3 HOH 12 1013 31   HOH HOH B . 
E 3 HOH 13 1014 32   HOH HOH B . 
E 3 HOH 14 1015 34   HOH HOH B . 
E 3 HOH 15 1016 40   HOH HOH B . 
E 3 HOH 16 1017 42   HOH HOH B . 
E 3 HOH 17 1018 45   HOH HOH B . 
E 3 HOH 18 1019 50   HOH HOH B . 
E 3 HOH 19 1020 51   HOH HOH B . 
E 3 HOH 20 1021 52   HOH HOH B . 
E 3 HOH 21 1022 54   HOH HOH B . 
E 3 HOH 22 1023 56   HOH HOH B . 
E 3 HOH 23 1024 57   HOH HOH B . 
E 3 HOH 24 1025 58   HOH HOH B . 
E 3 HOH 25 1026 60   HOH HOH B . 
E 3 HOH 26 1027 61   HOH HOH B . 
E 3 HOH 27 1028 62   HOH HOH B . 
E 3 HOH 28 1029 63   HOH HOH B . 
E 3 HOH 29 1030 64   HOH HOH B . 
E 3 HOH 30 1031 68   HOH HOH B . 
E 3 HOH 31 1032 71   HOH HOH B . 
# 
loop_
_software.name 
_software.classification 
_software.version 
_software.citation_id 
_software.pdbx_ordinal 
REFMAC    refinement       5.1.24 ? 1 
DENZO     'data reduction' .      ? 2 
SCALEPACK 'data scaling'   .      ? 3 
SOLVE     phasing          .      ? 4 
# 
_cell.entry_id           1ZV7 
_cell.length_a           43.650 
_cell.length_b           90.213 
_cell.length_c           42.256 
_cell.angle_alpha        90.00 
_cell.angle_beta         90.00 
_cell.angle_gamma        90.00 
_cell.Z_PDB              16 
_cell.pdbx_unique_axis   ? 
_cell.length_a_esd       ? 
_cell.length_b_esd       ? 
_cell.length_c_esd       ? 
_cell.angle_alpha_esd    ? 
_cell.angle_beta_esd     ? 
_cell.angle_gamma_esd    ? 
# 
_symmetry.entry_id                         1ZV7 
_symmetry.space_group_name_H-M             'C 2 2 2' 
_symmetry.pdbx_full_space_group_name_H-M   ? 
_symmetry.cell_setting                     ? 
_symmetry.Int_Tables_number                21 
_symmetry.space_group_name_Hall            ? 
# 
_exptl.entry_id          1ZV7 
_exptl.method            'X-RAY DIFFRACTION' 
_exptl.crystals_number   1 
# 
_exptl_crystal.id                    1 
_exptl_crystal.density_meas          ? 
_exptl_crystal.density_Matthews      2.10 
_exptl_crystal.density_percent_sol   41.60 
_exptl_crystal.description           ? 
_exptl_crystal.F_000                 ? 
_exptl_crystal.preparation           ? 
# 
_exptl_crystal_grow.crystal_id      1 
_exptl_crystal_grow.method          'VAPOR DIFFUSION, HANGING DROP' 
_exptl_crystal_grow.temp            298 
_exptl_crystal_grow.temp_details    ? 
_exptl_crystal_grow.pH              8.50 
_exptl_crystal_grow.pdbx_details    
'PEG MME 2000, Nickel chloride, Tris-HCL, pH 8.50, VAPOR DIFFUSION, HANGING DROP, temperature 298K' 
_exptl_crystal_grow.pdbx_pH_range   . 
# 
_diffrn.id                     1 
_diffrn.ambient_temp           100.0 
_diffrn.ambient_temp_details   ? 
_diffrn.crystal_id             1 
# 
_diffrn_detector.diffrn_id              1 
_diffrn_detector.detector               CCD 
_diffrn_detector.type                   'ADSC QUANTUM 4' 
_diffrn_detector.pdbx_collection_date   2003-09-12 
_diffrn_detector.details                ? 
# 
_diffrn_radiation.diffrn_id                        1 
_diffrn_radiation.wavelength_id                    1 
_diffrn_radiation.pdbx_monochromatic_or_laue_m_l   M 
_diffrn_radiation.monochromator                    GRAPHITE 
_diffrn_radiation.pdbx_diffrn_protocol             MAD 
_diffrn_radiation.pdbx_scattering_type             x-ray 
# 
loop_
_diffrn_radiation_wavelength.id 
_diffrn_radiation_wavelength.wavelength 
_diffrn_radiation_wavelength.wt 
1 1.0055 1.0 
2 0.9200 1.0 
3 0.9203 1.0 
4 0.9102 1.0 
# 
_diffrn_source.diffrn_id                   1 
_diffrn_source.source                      SYNCHROTRON 
_diffrn_source.type                        'NSLS BEAMLINE X4A' 
_diffrn_source.pdbx_synchrotron_site       NSLS 
_diffrn_source.pdbx_synchrotron_beamline   X4A 
_diffrn_source.pdbx_wavelength             ? 
_diffrn_source.pdbx_wavelength_list        '1.0055,,0.9200, 0.9203, 0.9102' 
# 
_reflns.entry_id                     1ZV7 
_reflns.observed_criterion_sigma_I   0.000 
_reflns.observed_criterion_sigma_F   ? 
_reflns.d_resolution_low             45.200 
_reflns.d_resolution_high            1.700 
_reflns.number_obs                   9539 
_reflns.number_all                   ? 
_reflns.percent_possible_obs         99.9 
_reflns.pdbx_Rmerge_I_obs            0.063 
_reflns.pdbx_Rsym_value              ? 
_reflns.pdbx_netI_over_sigmaI        16.5000 
_reflns.B_iso_Wilson_estimate        24.00 
_reflns.pdbx_redundancy              7.000 
_reflns.R_free_details               ? 
_reflns.limit_h_max                  ? 
_reflns.limit_h_min                  ? 
_reflns.limit_k_max                  ? 
_reflns.limit_k_min                  ? 
_reflns.limit_l_max                  ? 
_reflns.limit_l_min                  ? 
_reflns.observed_criterion_F_max     ? 
_reflns.observed_criterion_F_min     ? 
_reflns.pdbx_chi_squared             ? 
_reflns.pdbx_scaling_rejects         ? 
_reflns.pdbx_ordinal                 1 
_reflns.pdbx_diffrn_id               1 
# 
_reflns_shell.d_res_high             1.70 
_reflns_shell.d_res_low              1.76 
_reflns_shell.percent_possible_all   99.9 
_reflns_shell.Rmerge_I_obs           0.382 
_reflns_shell.pdbx_Rsym_value        ? 
_reflns_shell.meanI_over_sigI_obs    5.700 
_reflns_shell.pdbx_redundancy        7.10 
_reflns_shell.percent_possible_obs   ? 
_reflns_shell.number_unique_all      ? 
_reflns_shell.number_measured_all    ? 
_reflns_shell.number_measured_obs    ? 
_reflns_shell.number_unique_obs      ? 
_reflns_shell.pdbx_chi_squared       ? 
_reflns_shell.pdbx_ordinal           1 
_reflns_shell.pdbx_diffrn_id         1 
# 
_refine.entry_id                                 1ZV7 
_refine.ls_number_reflns_obs                     9076 
_refine.ls_number_reflns_all                     9535 
_refine.pdbx_ls_sigma_I                          ? 
_refine.pdbx_ls_sigma_F                          0.000 
_refine.pdbx_data_cutoff_high_absF               ? 
_refine.pdbx_data_cutoff_low_absF                ? 
_refine.pdbx_data_cutoff_high_rms_absF           ? 
_refine.ls_d_res_low                             45.20 
_refine.ls_d_res_high                            1.70 
_refine.ls_percent_reflns_obs                    99.7 
_refine.ls_R_factor_obs                          0.211 
_refine.ls_R_factor_all                          ? 
_refine.ls_R_factor_R_work                       0.209 
_refine.ls_R_factor_R_free                       0.258 
_refine.ls_R_factor_R_free_error                 ? 
_refine.ls_R_factor_R_free_error_details         ? 
_refine.ls_percent_reflns_R_free                 4.800 
_refine.ls_number_reflns_R_free                  459 
_refine.ls_number_parameters                     ? 
_refine.ls_number_restraints                     ? 
_refine.occupancy_min                            ? 
_refine.occupancy_max                            ? 
_refine.correlation_coeff_Fo_to_Fc               0.943 
_refine.correlation_coeff_Fo_to_Fc_free          0.902 
_refine.B_iso_mean                               15.94 
_refine.aniso_B[1][1]                            -0.36000 
_refine.aniso_B[2][2]                            0.19000 
_refine.aniso_B[3][3]                            0.17000 
_refine.aniso_B[1][2]                            0.00000 
_refine.aniso_B[1][3]                            0.00000 
_refine.aniso_B[2][3]                            0.00000 
_refine.solvent_model_details                    'BABINET MODEL WITH MASK' 
_refine.solvent_model_param_ksol                 ? 
_refine.solvent_model_param_bsol                 ? 
_refine.pdbx_solvent_vdw_probe_radii             1.40 
_refine.pdbx_solvent_ion_probe_radii             0.80 
_refine.pdbx_solvent_shrinkage_radii             0.80 
_refine.pdbx_ls_cross_valid_method               THROUGHOUT 
_refine.details                                  ? 
_refine.pdbx_starting_model                      ? 
_refine.pdbx_method_to_determine_struct          MAD 
_refine.pdbx_isotropic_thermal_model             Isotropic 
_refine.pdbx_stereochemistry_target_values       'MAXIMUM LIKELIHOOD' 
_refine.pdbx_stereochem_target_val_spec_case     ? 
_refine.pdbx_R_Free_selection_details            RANDOM 
_refine.pdbx_overall_ESU_R                       0.111 
_refine.pdbx_overall_ESU_R_Free                  0.117 
_refine.overall_SU_ML                            0.066 
_refine.overall_SU_B                             1.941 
_refine.ls_redundancy_reflns_obs                 ? 
_refine.B_iso_min                                ? 
_refine.B_iso_max                                ? 
_refine.overall_SU_R_Cruickshank_DPI             ? 
_refine.overall_SU_R_free                        ? 
_refine.ls_wR_factor_R_free                      ? 
_refine.ls_wR_factor_R_work                      ? 
_refine.overall_FOM_free_R_set                   ? 
_refine.overall_FOM_work_R_set                   ? 
_refine.pdbx_overall_phase_error                 ? 
_refine.pdbx_refine_id                           'X-RAY DIFFRACTION' 
_refine.pdbx_TLS_residual_ADP_flag               'LIKELY RESIDUAL' 
_refine.pdbx_diffrn_id                           1 
_refine.pdbx_overall_SU_R_free_Cruickshank_DPI   ? 
_refine.pdbx_overall_SU_R_Blow_DPI               ? 
_refine.pdbx_overall_SU_R_free_Blow_DPI          ? 
# 
_refine_hist.pdbx_refine_id                   'X-RAY DIFFRACTION' 
_refine_hist.cycle_id                         LAST 
_refine_hist.pdbx_number_atoms_protein        551 
_refine_hist.pdbx_number_atoms_nucleic_acid   0 
_refine_hist.pdbx_number_atoms_ligand         1 
_refine_hist.number_atoms_solvent             73 
_refine_hist.number_atoms_total               625 
_refine_hist.d_res_high                       1.70 
_refine_hist.d_res_low                        45.20 
# 
loop_
_refine_ls_restr.type 
_refine_ls_restr.dev_ideal 
_refine_ls_restr.dev_ideal_target 
_refine_ls_restr.weight 
_refine_ls_restr.number 
_refine_ls_restr.pdbx_refine_id 
_refine_ls_restr.pdbx_restraint_function 
r_bond_refined_d             0.015 0.021 ? 549 'X-RAY DIFFRACTION' ? 
r_bond_other_d               ?     ?     ? ?   'X-RAY DIFFRACTION' ? 
r_angle_refined_deg          1.564 1.984 ? 738 'X-RAY DIFFRACTION' ? 
r_angle_other_deg            ?     ?     ? ?   'X-RAY DIFFRACTION' ? 
r_dihedral_angle_1_deg       4.492 5.000 ? 69  'X-RAY DIFFRACTION' ? 
r_dihedral_angle_2_deg       ?     ?     ? ?   'X-RAY DIFFRACTION' ? 
r_dihedral_angle_3_deg       ?     ?     ? ?   'X-RAY DIFFRACTION' ? 
r_dihedral_angle_4_deg       ?     ?     ? ?   'X-RAY DIFFRACTION' ? 
r_chiral_restr               0.099 0.200 ? 93  'X-RAY DIFFRACTION' ? 
r_gen_planes_refined         0.006 0.020 ? 394 'X-RAY DIFFRACTION' ? 
r_gen_planes_other           ?     ?     ? ?   'X-RAY DIFFRACTION' ? 
r_nbd_refined                0.214 0.200 ? 265 'X-RAY DIFFRACTION' ? 
r_nbd_other                  ?     ?     ? ?   'X-RAY DIFFRACTION' ? 
r_nbtor_refined              ?     ?     ? ?   'X-RAY DIFFRACTION' ? 
r_nbtor_other                ?     ?     ? ?   'X-RAY DIFFRACTION' ? 
r_xyhbond_nbd_refined        0.161 0.200 ? 56  'X-RAY DIFFRACTION' ? 
r_xyhbond_nbd_other          ?     ?     ? ?   'X-RAY DIFFRACTION' ? 
r_metal_ion_refined          ?     ?     ? ?   'X-RAY DIFFRACTION' ? 
r_metal_ion_other            ?     ?     ? ?   'X-RAY DIFFRACTION' ? 
r_symmetry_vdw_refined       0.198 0.200 ? 29  'X-RAY DIFFRACTION' ? 
r_symmetry_vdw_other         ?     ?     ? ?   'X-RAY DIFFRACTION' ? 
r_symmetry_hbond_refined     0.114 0.200 ? 8   'X-RAY DIFFRACTION' ? 
r_symmetry_hbond_other       ?     ?     ? ?   'X-RAY DIFFRACTION' ? 
r_symmetry_metal_ion_refined ?     ?     ? ?   'X-RAY DIFFRACTION' ? 
r_symmetry_metal_ion_other   ?     ?     ? ?   'X-RAY DIFFRACTION' ? 
r_mcbond_it                  0.787 1.500 ? 350 'X-RAY DIFFRACTION' ? 
r_mcbond_other               ?     ?     ? ?   'X-RAY DIFFRACTION' ? 
r_mcangle_it                 1.489 2.000 ? 564 'X-RAY DIFFRACTION' ? 
r_scbond_it                  3.010 3.000 ? 199 'X-RAY DIFFRACTION' ? 
r_scangle_it                 5.310 4.500 ? 174 'X-RAY DIFFRACTION' ? 
r_rigid_bond_restr           ?     ?     ? ?   'X-RAY DIFFRACTION' ? 
r_sphericity_free            ?     ?     ? ?   'X-RAY DIFFRACTION' ? 
r_sphericity_bonded          ?     ?     ? ?   'X-RAY DIFFRACTION' ? 
# 
_refine_ls_shell.pdbx_total_number_of_bins_used   20 
_refine_ls_shell.d_res_high                       1.70 
_refine_ls_shell.d_res_low                        1.74 
_refine_ls_shell.number_reflns_R_work             646 
_refine_ls_shell.R_factor_R_work                  0.232 
_refine_ls_shell.percent_reflns_obs               ? 
_refine_ls_shell.R_factor_R_free                  0.405 
_refine_ls_shell.R_factor_R_free_error            ? 
_refine_ls_shell.percent_reflns_R_free            ? 
_refine_ls_shell.number_reflns_R_free             27 
_refine_ls_shell.number_reflns_all                ? 
_refine_ls_shell.R_factor_all                     ? 
_refine_ls_shell.redundancy_reflns_obs            ? 
_refine_ls_shell.number_reflns_obs                ? 
_refine_ls_shell.pdbx_refine_id                   'X-RAY DIFFRACTION' 
# 
_struct.entry_id                  1ZV7 
_struct.title                     'A structure-based mechanism of SARS virus membrane fusion' 
_struct.pdbx_model_details        ? 
_struct.pdbx_CASP_flag            ? 
_struct.pdbx_model_type_details   ? 
# 
_struct_keywords.entry_id        1ZV7 
_struct_keywords.pdbx_keywords   'VIRAL PROTEIN' 
_struct_keywords.text            
'SARS coronavirus, membrane fusion, S2, virus entry, coiled coils, conformational change, VIRAL PROTEIN' 
# 
loop_
_struct_asym.id 
_struct_asym.pdbx_blank_PDB_chainid_flag 
_struct_asym.pdbx_modified 
_struct_asym.entity_id 
_struct_asym.details 
A N N 1 ? 
B N N 1 ? 
C N N 2 ? 
D N N 3 ? 
E N N 3 ? 
# 
_struct_ref.id                         1 
_struct_ref.db_name                    UNP 
_struct_ref.db_code                    SPIKE_CVHSA 
_struct_ref.pdbx_db_accession          P59594 
_struct_ref.entity_id                  1 
_struct_ref.pdbx_seq_one_letter_code   DISGINASVVNIQKEIDRLNEVAKNLNESLIDLQELGKYEQYIK 
_struct_ref.pdbx_align_begin           1150 
_struct_ref.pdbx_db_isoform            ? 
# 
loop_
_struct_ref_seq.align_id 
_struct_ref_seq.ref_id 
_struct_ref_seq.pdbx_PDB_id_code 
_struct_ref_seq.pdbx_strand_id 
_struct_ref_seq.seq_align_beg 
_struct_ref_seq.pdbx_seq_align_beg_ins_code 
_struct_ref_seq.seq_align_end 
_struct_ref_seq.pdbx_seq_align_end_ins_code 
_struct_ref_seq.pdbx_db_accession 
_struct_ref_seq.db_align_beg 
_struct_ref_seq.pdbx_db_align_beg_ins_code 
_struct_ref_seq.db_align_end 
_struct_ref_seq.pdbx_db_align_end_ins_code 
_struct_ref_seq.pdbx_auth_seq_align_beg 
_struct_ref_seq.pdbx_auth_seq_align_end 
1 1 1ZV7 A 1 ? 44 ? P59594 1150 ? 1193 ? 1 44 
2 1 1ZV7 B 1 ? 44 ? P59594 1150 ? 1193 ? 1 44 
# 
_pdbx_struct_assembly.id                   1 
_pdbx_struct_assembly.details              author_defined_assembly 
_pdbx_struct_assembly.method_details       ? 
_pdbx_struct_assembly.oligomeric_details   tetrameric 
_pdbx_struct_assembly.oligomeric_count     4 
# 
_pdbx_struct_assembly_gen.assembly_id       1 
_pdbx_struct_assembly_gen.oper_expression   1,2 
_pdbx_struct_assembly_gen.asym_id_list      A,B,C,D,E 
# 
loop_
_pdbx_struct_oper_list.id 
_pdbx_struct_oper_list.type 
_pdbx_struct_oper_list.name 
_pdbx_struct_oper_list.symmetry_operation 
_pdbx_struct_oper_list.matrix[1][1] 
_pdbx_struct_oper_list.matrix[1][2] 
_pdbx_struct_oper_list.matrix[1][3] 
_pdbx_struct_oper_list.vector[1] 
_pdbx_struct_oper_list.matrix[2][1] 
_pdbx_struct_oper_list.matrix[2][2] 
_pdbx_struct_oper_list.matrix[2][3] 
_pdbx_struct_oper_list.vector[2] 
_pdbx_struct_oper_list.matrix[3][1] 
_pdbx_struct_oper_list.matrix[3][2] 
_pdbx_struct_oper_list.matrix[3][3] 
_pdbx_struct_oper_list.vector[3] 
1 'identity operation'         1_555 x,y,z     1.0000000000  0.0000000000  0.0000000000  0.0000000000 0.0000000000  1.0000000000  0.0000000000 0.0000000000  0.0000000000  0.0000000000 1.0000000000 0.0000000000 
2 'crystal symmetry operation' 3_557 -x,y,-z+2 -0.4095285925 -0.1659417487 -0.8970784068 0.6732208632 -0.1659417487 -0.9533649494 0.2521083285 -8.8110130285 -0.8970784068 0.2521083285 0.3628935418 2.0729877864 
# 
_struct_biol.id                    1 
_struct_biol.details               'The biological assembly is a tetramer generated from the dimer' 
_struct_biol.pdbx_parent_biol_id   ? 
# 
loop_
_struct_conf.conf_type_id 
_struct_conf.id 
_struct_conf.pdbx_PDB_helix_id 
_struct_conf.beg_label_comp_id 
_struct_conf.beg_label_asym_id 
_struct_conf.beg_label_seq_id 
_struct_conf.pdbx_beg_PDB_ins_code 
_struct_conf.end_label_comp_id 
_struct_conf.end_label_asym_id 
_struct_conf.end_label_seq_id 
_struct_conf.pdbx_end_PDB_ins_code 
_struct_conf.beg_auth_comp_id 
_struct_conf.beg_auth_asym_id 
_struct_conf.beg_auth_seq_id 
_struct_conf.end_auth_comp_id 
_struct_conf.end_auth_asym_id 
_struct_conf.end_auth_seq_id 
_struct_conf.pdbx_PDB_helix_class 
_struct_conf.details 
_struct_conf.pdbx_PDB_helix_length 
HELX_P HELX_P1 1 ASP A 1 ? LYS A 38 ? ASP A 1 LYS A 38 1 ? 38 
HELX_P HELX_P2 2 GLY B 4 ? LEU B 36 ? GLY B 4 LEU B 36 1 ? 33 
# 
_struct_conf_type.id          HELX_P 
_struct_conf_type.criteria    ? 
_struct_conf_type.reference   ? 
# 
_struct_site.id                   AC1 
_struct_site.pdbx_evidence_code   Software 
_struct_site.pdbx_auth_asym_id    B 
_struct_site.pdbx_auth_comp_id    CL 
_struct_site.pdbx_auth_seq_id     1001 
_struct_site.pdbx_auth_ins_code   ? 
_struct_site.pdbx_num_residues    4 
_struct_site.details              'BINDING SITE FOR RESIDUE CL B 1001' 
# 
loop_
_struct_site_gen.id 
_struct_site_gen.site_id 
_struct_site_gen.pdbx_num_res 
_struct_site_gen.label_comp_id 
_struct_site_gen.label_asym_id 
_struct_site_gen.label_seq_id 
_struct_site_gen.pdbx_auth_ins_code 
_struct_site_gen.auth_comp_id 
_struct_site_gen.auth_asym_id 
_struct_site_gen.auth_seq_id 
_struct_site_gen.label_atom_id 
_struct_site_gen.label_alt_id 
_struct_site_gen.symmetry 
_struct_site_gen.details 
1 AC1 4 ARG B 18 ? ARG B 18 . ? 3_557 ? 
2 AC1 4 ARG B 18 ? ARG B 18 . ? 4_557 ? 
3 AC1 4 ARG B 18 ? ARG B 18 . ? 1_555 ? 
4 AC1 4 ARG B 18 ? ARG B 18 . ? 2_555 ? 
# 
_pdbx_validate_rmsd_angle.id                         1 
_pdbx_validate_rmsd_angle.PDB_model_num              1 
_pdbx_validate_rmsd_angle.auth_atom_id_1             CB 
_pdbx_validate_rmsd_angle.auth_asym_id_1             A 
_pdbx_validate_rmsd_angle.auth_comp_id_1             ASP 
_pdbx_validate_rmsd_angle.auth_seq_id_1              1 
_pdbx_validate_rmsd_angle.PDB_ins_code_1             ? 
_pdbx_validate_rmsd_angle.label_alt_id_1             ? 
_pdbx_validate_rmsd_angle.auth_atom_id_2             CG 
_pdbx_validate_rmsd_angle.auth_asym_id_2             A 
_pdbx_validate_rmsd_angle.auth_comp_id_2             ASP 
_pdbx_validate_rmsd_angle.auth_seq_id_2              1 
_pdbx_validate_rmsd_angle.PDB_ins_code_2             ? 
_pdbx_validate_rmsd_angle.label_alt_id_2             ? 
_pdbx_validate_rmsd_angle.auth_atom_id_3             OD1 
_pdbx_validate_rmsd_angle.auth_asym_id_3             A 
_pdbx_validate_rmsd_angle.auth_comp_id_3             ASP 
_pdbx_validate_rmsd_angle.auth_seq_id_3              1 
_pdbx_validate_rmsd_angle.PDB_ins_code_3             ? 
_pdbx_validate_rmsd_angle.label_alt_id_3             ? 
_pdbx_validate_rmsd_angle.angle_value                124.48 
_pdbx_validate_rmsd_angle.angle_target_value         118.30 
_pdbx_validate_rmsd_angle.angle_deviation            6.18 
_pdbx_validate_rmsd_angle.angle_standard_deviation   0.90 
_pdbx_validate_rmsd_angle.linker_flag                N 
# 
loop_
_pdbx_struct_special_symmetry.id 
_pdbx_struct_special_symmetry.PDB_model_num 
_pdbx_struct_special_symmetry.auth_asym_id 
_pdbx_struct_special_symmetry.auth_comp_id 
_pdbx_struct_special_symmetry.auth_seq_id 
_pdbx_struct_special_symmetry.PDB_ins_code 
_pdbx_struct_special_symmetry.label_asym_id 
_pdbx_struct_special_symmetry.label_comp_id 
_pdbx_struct_special_symmetry.label_seq_id 
1 1 B CL  1001 ? C CL  . 
2 1 A HOH 65   ? D HOH . 
3 1 A HOH 70   ? D HOH . 
4 1 B HOH 1018 ? E HOH . 
# 
loop_
_pdbx_refine_tls.id 
_pdbx_refine_tls.details 
_pdbx_refine_tls.method 
_pdbx_refine_tls.origin_x 
_pdbx_refine_tls.origin_y 
_pdbx_refine_tls.origin_z 
_pdbx_refine_tls.T[1][1] 
_pdbx_refine_tls.T[2][2] 
_pdbx_refine_tls.T[3][3] 
_pdbx_refine_tls.T[1][2] 
_pdbx_refine_tls.T[1][3] 
_pdbx_refine_tls.T[2][3] 
_pdbx_refine_tls.L[1][1] 
_pdbx_refine_tls.L[2][2] 
_pdbx_refine_tls.L[3][3] 
_pdbx_refine_tls.L[1][2] 
_pdbx_refine_tls.L[1][3] 
_pdbx_refine_tls.L[2][3] 
_pdbx_refine_tls.S[1][1] 
_pdbx_refine_tls.S[1][2] 
_pdbx_refine_tls.S[1][3] 
_pdbx_refine_tls.S[2][1] 
_pdbx_refine_tls.S[2][2] 
_pdbx_refine_tls.S[2][3] 
_pdbx_refine_tls.S[3][1] 
_pdbx_refine_tls.S[3][2] 
_pdbx_refine_tls.S[3][3] 
_pdbx_refine_tls.pdbx_refine_id 
1 ? refined 2.1056  -0.4651 -3.6693 0.0716 0.0541 0.0435 0.0175 0.0228 0.0130  23.5433 2.2794 6.0835 3.1544 9.7358 1.3966 -0.1089 0.0558 0.5009 -0.1454 -0.0052 0.0866 -0.0787 -0.0275 0.1143 'X-RAY DIFFRACTION' 
2 ? refined -2.2922 1.0928  4.0576  0.0718 0.0371 0.0414 0.0173 0.0467 -0.0023 16.3419 5.8936 3.9549 6.2482 5.3595 2.8396 -0.0068 0.0485 0.4783 -0.0560 -0.0957 0.0162 -0.0776 -0.0723 0.1025 'X-RAY DIFFRACTION' 
# 
loop_
_pdbx_refine_tls_group.id 
_pdbx_refine_tls_group.refine_tls_id 
_pdbx_refine_tls_group.beg_auth_asym_id 
_pdbx_refine_tls_group.beg_auth_seq_id 
_pdbx_refine_tls_group.beg_label_asym_id 
_pdbx_refine_tls_group.beg_label_seq_id 
_pdbx_refine_tls_group.end_auth_asym_id 
_pdbx_refine_tls_group.end_auth_seq_id 
_pdbx_refine_tls_group.end_label_asym_id 
_pdbx_refine_tls_group.end_label_seq_id 
_pdbx_refine_tls_group.selection 
_pdbx_refine_tls_group.pdbx_refine_id 
_pdbx_refine_tls_group.selection_details 
1 1 A 1 A 1 A 38 A 38 ? 'X-RAY DIFFRACTION' ? 
2 2 B 4 B 4 B 36 B 36 ? 'X-RAY DIFFRACTION' ? 
# 
loop_
_pdbx_unobs_or_zero_occ_residues.id 
_pdbx_unobs_or_zero_occ_residues.PDB_model_num 
_pdbx_unobs_or_zero_occ_residues.polymer_flag 
_pdbx_unobs_or_zero_occ_residues.occupancy_flag 
_pdbx_unobs_or_zero_occ_residues.auth_asym_id 
_pdbx_unobs_or_zero_occ_residues.auth_comp_id 
_pdbx_unobs_or_zero_occ_residues.auth_seq_id 
_pdbx_unobs_or_zero_occ_residues.PDB_ins_code 
_pdbx_unobs_or_zero_occ_residues.label_asym_id 
_pdbx_unobs_or_zero_occ_residues.label_comp_id 
_pdbx_unobs_or_zero_occ_residues.label_seq_id 
1  1 Y 1 A TYR 39 ? A TYR 39 
2  1 Y 1 A GLU 40 ? A GLU 40 
3  1 Y 1 A GLN 41 ? A GLN 41 
4  1 Y 1 A TYR 42 ? A TYR 42 
5  1 Y 1 A ILE 43 ? A ILE 43 
6  1 Y 1 A LYS 44 ? A LYS 44 
7  1 Y 1 B ASP 1  ? B ASP 1  
8  1 Y 1 B ILE 2  ? B ILE 2  
9  1 Y 1 B SER 3  ? B SER 3  
10 1 Y 1 B GLY 37 ? B GLY 37 
11 1 Y 1 B LYS 38 ? B LYS 38 
12 1 Y 1 B TYR 39 ? B TYR 39 
13 1 Y 1 B GLU 40 ? B GLU 40 
14 1 Y 1 B GLN 41 ? B GLN 41 
15 1 Y 1 B TYR 42 ? B TYR 42 
16 1 Y 1 B ILE 43 ? B ILE 43 
17 1 Y 1 B LYS 44 ? B LYS 44 
# 
loop_
_chem_comp_atom.comp_id 
_chem_comp_atom.atom_id 
_chem_comp_atom.type_symbol 
_chem_comp_atom.pdbx_aromatic_flag 
_chem_comp_atom.pdbx_stereo_config 
_chem_comp_atom.pdbx_ordinal 
ALA N    N  N N 1   
ALA CA   C  N S 2   
ALA C    C  N N 3   
ALA O    O  N N 4   
ALA CB   C  N N 5   
ALA OXT  O  N N 6   
ALA H    H  N N 7   
ALA H2   H  N N 8   
ALA HA   H  N N 9   
ALA HB1  H  N N 10  
ALA HB2  H  N N 11  
ALA HB3  H  N N 12  
ALA HXT  H  N N 13  
ARG N    N  N N 14  
ARG CA   C  N S 15  
ARG C    C  N N 16  
ARG O    O  N N 17  
ARG CB   C  N N 18  
ARG CG   C  N N 19  
ARG CD   C  N N 20  
ARG NE   N  N N 21  
ARG CZ   C  N N 22  
ARG NH1  N  N N 23  
ARG NH2  N  N N 24  
ARG OXT  O  N N 25  
ARG H    H  N N 26  
ARG H2   H  N N 27  
ARG HA   H  N N 28  
ARG HB2  H  N N 29  
ARG HB3  H  N N 30  
ARG HG2  H  N N 31  
ARG HG3  H  N N 32  
ARG HD2  H  N N 33  
ARG HD3  H  N N 34  
ARG HE   H  N N 35  
ARG HH11 H  N N 36  
ARG HH12 H  N N 37  
ARG HH21 H  N N 38  
ARG HH22 H  N N 39  
ARG HXT  H  N N 40  
ASN N    N  N N 41  
ASN CA   C  N S 42  
ASN C    C  N N 43  
ASN O    O  N N 44  
ASN CB   C  N N 45  
ASN CG   C  N N 46  
ASN OD1  O  N N 47  
ASN ND2  N  N N 48  
ASN OXT  O  N N 49  
ASN H    H  N N 50  
ASN H2   H  N N 51  
ASN HA   H  N N 52  
ASN HB2  H  N N 53  
ASN HB3  H  N N 54  
ASN HD21 H  N N 55  
ASN HD22 H  N N 56  
ASN HXT  H  N N 57  
ASP N    N  N N 58  
ASP CA   C  N S 59  
ASP C    C  N N 60  
ASP O    O  N N 61  
ASP CB   C  N N 62  
ASP CG   C  N N 63  
ASP OD1  O  N N 64  
ASP OD2  O  N N 65  
ASP OXT  O  N N 66  
ASP H    H  N N 67  
ASP H2   H  N N 68  
ASP HA   H  N N 69  
ASP HB2  H  N N 70  
ASP HB3  H  N N 71  
ASP HD2  H  N N 72  
ASP HXT  H  N N 73  
CL  CL   CL N N 74  
GLN N    N  N N 75  
GLN CA   C  N S 76  
GLN C    C  N N 77  
GLN O    O  N N 78  
GLN CB   C  N N 79  
GLN CG   C  N N 80  
GLN CD   C  N N 81  
GLN OE1  O  N N 82  
GLN NE2  N  N N 83  
GLN OXT  O  N N 84  
GLN H    H  N N 85  
GLN H2   H  N N 86  
GLN HA   H  N N 87  
GLN HB2  H  N N 88  
GLN HB3  H  N N 89  
GLN HG2  H  N N 90  
GLN HG3  H  N N 91  
GLN HE21 H  N N 92  
GLN HE22 H  N N 93  
GLN HXT  H  N N 94  
GLU N    N  N N 95  
GLU CA   C  N S 96  
GLU C    C  N N 97  
GLU O    O  N N 98  
GLU CB   C  N N 99  
GLU CG   C  N N 100 
GLU CD   C  N N 101 
GLU OE1  O  N N 102 
GLU OE2  O  N N 103 
GLU OXT  O  N N 104 
GLU H    H  N N 105 
GLU H2   H  N N 106 
GLU HA   H  N N 107 
GLU HB2  H  N N 108 
GLU HB3  H  N N 109 
GLU HG2  H  N N 110 
GLU HG3  H  N N 111 
GLU HE2  H  N N 112 
GLU HXT  H  N N 113 
GLY N    N  N N 114 
GLY CA   C  N N 115 
GLY C    C  N N 116 
GLY O    O  N N 117 
GLY OXT  O  N N 118 
GLY H    H  N N 119 
GLY H2   H  N N 120 
GLY HA2  H  N N 121 
GLY HA3  H  N N 122 
GLY HXT  H  N N 123 
HOH O    O  N N 124 
HOH H1   H  N N 125 
HOH H2   H  N N 126 
ILE N    N  N N 127 
ILE CA   C  N S 128 
ILE C    C  N N 129 
ILE O    O  N N 130 
ILE CB   C  N S 131 
ILE CG1  C  N N 132 
ILE CG2  C  N N 133 
ILE CD1  C  N N 134 
ILE OXT  O  N N 135 
ILE H    H  N N 136 
ILE H2   H  N N 137 
ILE HA   H  N N 138 
ILE HB   H  N N 139 
ILE HG12 H  N N 140 
ILE HG13 H  N N 141 
ILE HG21 H  N N 142 
ILE HG22 H  N N 143 
ILE HG23 H  N N 144 
ILE HD11 H  N N 145 
ILE HD12 H  N N 146 
ILE HD13 H  N N 147 
ILE HXT  H  N N 148 
LEU N    N  N N 149 
LEU CA   C  N S 150 
LEU C    C  N N 151 
LEU O    O  N N 152 
LEU CB   C  N N 153 
LEU CG   C  N N 154 
LEU CD1  C  N N 155 
LEU CD2  C  N N 156 
LEU OXT  O  N N 157 
LEU H    H  N N 158 
LEU H2   H  N N 159 
LEU HA   H  N N 160 
LEU HB2  H  N N 161 
LEU HB3  H  N N 162 
LEU HG   H  N N 163 
LEU HD11 H  N N 164 
LEU HD12 H  N N 165 
LEU HD13 H  N N 166 
LEU HD21 H  N N 167 
LEU HD22 H  N N 168 
LEU HD23 H  N N 169 
LEU HXT  H  N N 170 
LYS N    N  N N 171 
LYS CA   C  N S 172 
LYS C    C  N N 173 
LYS O    O  N N 174 
LYS CB   C  N N 175 
LYS CG   C  N N 176 
LYS CD   C  N N 177 
LYS CE   C  N N 178 
LYS NZ   N  N N 179 
LYS OXT  O  N N 180 
LYS H    H  N N 181 
LYS H2   H  N N 182 
LYS HA   H  N N 183 
LYS HB2  H  N N 184 
LYS HB3  H  N N 185 
LYS HG2  H  N N 186 
LYS HG3  H  N N 187 
LYS HD2  H  N N 188 
LYS HD3  H  N N 189 
LYS HE2  H  N N 190 
LYS HE3  H  N N 191 
LYS HZ1  H  N N 192 
LYS HZ2  H  N N 193 
LYS HZ3  H  N N 194 
LYS HXT  H  N N 195 
SER N    N  N N 196 
SER CA   C  N S 197 
SER C    C  N N 198 
SER O    O  N N 199 
SER CB   C  N N 200 
SER OG   O  N N 201 
SER OXT  O  N N 202 
SER H    H  N N 203 
SER H2   H  N N 204 
SER HA   H  N N 205 
SER HB2  H  N N 206 
SER HB3  H  N N 207 
SER HG   H  N N 208 
SER HXT  H  N N 209 
TYR N    N  N N 210 
TYR CA   C  N S 211 
TYR C    C  N N 212 
TYR O    O  N N 213 
TYR CB   C  N N 214 
TYR CG   C  Y N 215 
TYR CD1  C  Y N 216 
TYR CD2  C  Y N 217 
TYR CE1  C  Y N 218 
TYR CE2  C  Y N 219 
TYR CZ   C  Y N 220 
TYR OH   O  N N 221 
TYR OXT  O  N N 222 
TYR H    H  N N 223 
TYR H2   H  N N 224 
TYR HA   H  N N 225 
TYR HB2  H  N N 226 
TYR HB3  H  N N 227 
TYR HD1  H  N N 228 
TYR HD2  H  N N 229 
TYR HE1  H  N N 230 
TYR HE2  H  N N 231 
TYR HH   H  N N 232 
TYR HXT  H  N N 233 
VAL N    N  N N 234 
VAL CA   C  N S 235 
VAL C    C  N N 236 
VAL O    O  N N 237 
VAL CB   C  N N 238 
VAL CG1  C  N N 239 
VAL CG2  C  N N 240 
VAL OXT  O  N N 241 
VAL H    H  N N 242 
VAL H2   H  N N 243 
VAL HA   H  N N 244 
VAL HB   H  N N 245 
VAL HG11 H  N N 246 
VAL HG12 H  N N 247 
VAL HG13 H  N N 248 
VAL HG21 H  N N 249 
VAL HG22 H  N N 250 
VAL HG23 H  N N 251 
VAL HXT  H  N N 252 
# 
loop_
_chem_comp_bond.comp_id 
_chem_comp_bond.atom_id_1 
_chem_comp_bond.atom_id_2 
_chem_comp_bond.value_order 
_chem_comp_bond.pdbx_aromatic_flag 
_chem_comp_bond.pdbx_stereo_config 
_chem_comp_bond.pdbx_ordinal 
ALA N   CA   sing N N 1   
ALA N   H    sing N N 2   
ALA N   H2   sing N N 3   
ALA CA  C    sing N N 4   
ALA CA  CB   sing N N 5   
ALA CA  HA   sing N N 6   
ALA C   O    doub N N 7   
ALA C   OXT  sing N N 8   
ALA CB  HB1  sing N N 9   
ALA CB  HB2  sing N N 10  
ALA CB  HB3  sing N N 11  
ALA OXT HXT  sing N N 12  
ARG N   CA   sing N N 13  
ARG N   H    sing N N 14  
ARG N   H2   sing N N 15  
ARG CA  C    sing N N 16  
ARG CA  CB   sing N N 17  
ARG CA  HA   sing N N 18  
ARG C   O    doub N N 19  
ARG C   OXT  sing N N 20  
ARG CB  CG   sing N N 21  
ARG CB  HB2  sing N N 22  
ARG CB  HB3  sing N N 23  
ARG CG  CD   sing N N 24  
ARG CG  HG2  sing N N 25  
ARG CG  HG3  sing N N 26  
ARG CD  NE   sing N N 27  
ARG CD  HD2  sing N N 28  
ARG CD  HD3  sing N N 29  
ARG NE  CZ   sing N N 30  
ARG NE  HE   sing N N 31  
ARG CZ  NH1  sing N N 32  
ARG CZ  NH2  doub N N 33  
ARG NH1 HH11 sing N N 34  
ARG NH1 HH12 sing N N 35  
ARG NH2 HH21 sing N N 36  
ARG NH2 HH22 sing N N 37  
ARG OXT HXT  sing N N 38  
ASN N   CA   sing N N 39  
ASN N   H    sing N N 40  
ASN N   H2   sing N N 41  
ASN CA  C    sing N N 42  
ASN CA  CB   sing N N 43  
ASN CA  HA   sing N N 44  
ASN C   O    doub N N 45  
ASN C   OXT  sing N N 46  
ASN CB  CG   sing N N 47  
ASN CB  HB2  sing N N 48  
ASN CB  HB3  sing N N 49  
ASN CG  OD1  doub N N 50  
ASN CG  ND2  sing N N 51  
ASN ND2 HD21 sing N N 52  
ASN ND2 HD22 sing N N 53  
ASN OXT HXT  sing N N 54  
ASP N   CA   sing N N 55  
ASP N   H    sing N N 56  
ASP N   H2   sing N N 57  
ASP CA  C    sing N N 58  
ASP CA  CB   sing N N 59  
ASP CA  HA   sing N N 60  
ASP C   O    doub N N 61  
ASP C   OXT  sing N N 62  
ASP CB  CG   sing N N 63  
ASP CB  HB2  sing N N 64  
ASP CB  HB3  sing N N 65  
ASP CG  OD1  doub N N 66  
ASP CG  OD2  sing N N 67  
ASP OD2 HD2  sing N N 68  
ASP OXT HXT  sing N N 69  
GLN N   CA   sing N N 70  
GLN N   H    sing N N 71  
GLN N   H2   sing N N 72  
GLN CA  C    sing N N 73  
GLN CA  CB   sing N N 74  
GLN CA  HA   sing N N 75  
GLN C   O    doub N N 76  
GLN C   OXT  sing N N 77  
GLN CB  CG   sing N N 78  
GLN CB  HB2  sing N N 79  
GLN CB  HB3  sing N N 80  
GLN CG  CD   sing N N 81  
GLN CG  HG2  sing N N 82  
GLN CG  HG3  sing N N 83  
GLN CD  OE1  doub N N 84  
GLN CD  NE2  sing N N 85  
GLN NE2 HE21 sing N N 86  
GLN NE2 HE22 sing N N 87  
GLN OXT HXT  sing N N 88  
GLU N   CA   sing N N 89  
GLU N   H    sing N N 90  
GLU N   H2   sing N N 91  
GLU CA  C    sing N N 92  
GLU CA  CB   sing N N 93  
GLU CA  HA   sing N N 94  
GLU C   O    doub N N 95  
GLU C   OXT  sing N N 96  
GLU CB  CG   sing N N 97  
GLU CB  HB2  sing N N 98  
GLU CB  HB3  sing N N 99  
GLU CG  CD   sing N N 100 
GLU CG  HG2  sing N N 101 
GLU CG  HG3  sing N N 102 
GLU CD  OE1  doub N N 103 
GLU CD  OE2  sing N N 104 
GLU OE2 HE2  sing N N 105 
GLU OXT HXT  sing N N 106 
GLY N   CA   sing N N 107 
GLY N   H    sing N N 108 
GLY N   H2   sing N N 109 
GLY CA  C    sing N N 110 
GLY CA  HA2  sing N N 111 
GLY CA  HA3  sing N N 112 
GLY C   O    doub N N 113 
GLY C   OXT  sing N N 114 
GLY OXT HXT  sing N N 115 
HOH O   H1   sing N N 116 
HOH O   H2   sing N N 117 
ILE N   CA   sing N N 118 
ILE N   H    sing N N 119 
ILE N   H2   sing N N 120 
ILE CA  C    sing N N 121 
ILE CA  CB   sing N N 122 
ILE CA  HA   sing N N 123 
ILE C   O    doub N N 124 
ILE C   OXT  sing N N 125 
ILE CB  CG1  sing N N 126 
ILE CB  CG2  sing N N 127 
ILE CB  HB   sing N N 128 
ILE CG1 CD1  sing N N 129 
ILE CG1 HG12 sing N N 130 
ILE CG1 HG13 sing N N 131 
ILE CG2 HG21 sing N N 132 
ILE CG2 HG22 sing N N 133 
ILE CG2 HG23 sing N N 134 
ILE CD1 HD11 sing N N 135 
ILE CD1 HD12 sing N N 136 
ILE CD1 HD13 sing N N 137 
ILE OXT HXT  sing N N 138 
LEU N   CA   sing N N 139 
LEU N   H    sing N N 140 
LEU N   H2   sing N N 141 
LEU CA  C    sing N N 142 
LEU CA  CB   sing N N 143 
LEU CA  HA   sing N N 144 
LEU C   O    doub N N 145 
LEU C   OXT  sing N N 146 
LEU CB  CG   sing N N 147 
LEU CB  HB2  sing N N 148 
LEU CB  HB3  sing N N 149 
LEU CG  CD1  sing N N 150 
LEU CG  CD2  sing N N 151 
LEU CG  HG   sing N N 152 
LEU CD1 HD11 sing N N 153 
LEU CD1 HD12 sing N N 154 
LEU CD1 HD13 sing N N 155 
LEU CD2 HD21 sing N N 156 
LEU CD2 HD22 sing N N 157 
LEU CD2 HD23 sing N N 158 
LEU OXT HXT  sing N N 159 
LYS N   CA   sing N N 160 
LYS N   H    sing N N 161 
LYS N   H2   sing N N 162 
LYS CA  C    sing N N 163 
LYS CA  CB   sing N N 164 
LYS CA  HA   sing N N 165 
LYS C   O    doub N N 166 
LYS C   OXT  sing N N 167 
LYS CB  CG   sing N N 168 
LYS CB  HB2  sing N N 169 
LYS CB  HB3  sing N N 170 
LYS CG  CD   sing N N 171 
LYS CG  HG2  sing N N 172 
LYS CG  HG3  sing N N 173 
LYS CD  CE   sing N N 174 
LYS CD  HD2  sing N N 175 
LYS CD  HD3  sing N N 176 
LYS CE  NZ   sing N N 177 
LYS CE  HE2  sing N N 178 
LYS CE  HE3  sing N N 179 
LYS NZ  HZ1  sing N N 180 
LYS NZ  HZ2  sing N N 181 
LYS NZ  HZ3  sing N N 182 
LYS OXT HXT  sing N N 183 
SER N   CA   sing N N 184 
SER N   H    sing N N 185 
SER N   H2   sing N N 186 
SER CA  C    sing N N 187 
SER CA  CB   sing N N 188 
SER CA  HA   sing N N 189 
SER C   O    doub N N 190 
SER C   OXT  sing N N 191 
SER CB  OG   sing N N 192 
SER CB  HB2  sing N N 193 
SER CB  HB3  sing N N 194 
SER OG  HG   sing N N 195 
SER OXT HXT  sing N N 196 
TYR N   CA   sing N N 197 
TYR N   H    sing N N 198 
TYR N   H2   sing N N 199 
TYR CA  C    sing N N 200 
TYR CA  CB   sing N N 201 
TYR CA  HA   sing N N 202 
TYR C   O    doub N N 203 
TYR C   OXT  sing N N 204 
TYR CB  CG   sing N N 205 
TYR CB  HB2  sing N N 206 
TYR CB  HB3  sing N N 207 
TYR CG  CD1  doub Y N 208 
TYR CG  CD2  sing Y N 209 
TYR CD1 CE1  sing Y N 210 
TYR CD1 HD1  sing N N 211 
TYR CD2 CE2  doub Y N 212 
TYR CD2 HD2  sing N N 213 
TYR CE1 CZ   doub Y N 214 
TYR CE1 HE1  sing N N 215 
TYR CE2 CZ   sing Y N 216 
TYR CE2 HE2  sing N N 217 
TYR CZ  OH   sing N N 218 
TYR OH  HH   sing N N 219 
TYR OXT HXT  sing N N 220 
VAL N   CA   sing N N 221 
VAL N   H    sing N N 222 
VAL N   H2   sing N N 223 
VAL CA  C    sing N N 224 
VAL CA  CB   sing N N 225 
VAL CA  HA   sing N N 226 
VAL C   O    doub N N 227 
VAL C   OXT  sing N N 228 
VAL CB  CG1  sing N N 229 
VAL CB  CG2  sing N N 230 
VAL CB  HB   sing N N 231 
VAL CG1 HG11 sing N N 232 
VAL CG1 HG12 sing N N 233 
VAL CG1 HG13 sing N N 234 
VAL CG2 HG21 sing N N 235 
VAL CG2 HG22 sing N N 236 
VAL CG2 HG23 sing N N 237 
VAL OXT HXT  sing N N 238 
# 
_atom_sites.entry_id                    1ZV7 
_atom_sites.fract_transf_matrix[1][1]   -0.01457654 
_atom_sites.fract_transf_matrix[1][2]   0.01298061 
_atom_sites.fract_transf_matrix[1][3]   -0.01199567 
_atom_sites.fract_transf_matrix[2][1]   0.00602310 
_atom_sites.fract_transf_matrix[2][2]   -0.00169269 
_atom_sites.fract_transf_matrix[2][3]   -0.00915064 
_atom_sites.fract_transf_matrix[3][1]   -0.01296071 
_atom_sites.fract_transf_matrix[3][2]   -0.01916217 
_atom_sites.fract_transf_matrix[3][3]   -0.00498633 
_atom_sites.fract_transf_vector[1]      0.074526 
_atom_sites.fract_transf_vector[2]      0.133950 
_atom_sites.fract_transf_vector[3]      0.925100 
# 
loop_
_atom_type.symbol 
C  
CL 
N  
O  
# 
loop_
_atom_site.group_PDB 
_atom_site.id 
_atom_site.type_symbol 
_atom_site.label_atom_id 
_atom_site.label_alt_id 
_atom_site.label_comp_id 
_atom_site.label_asym_id 
_atom_site.label_entity_id 
_atom_site.label_seq_id 
_atom_site.pdbx_PDB_ins_code 
_atom_site.Cartn_x 
_atom_site.Cartn_y 
_atom_site.Cartn_z 
_atom_site.occupancy 
_atom_site.B_iso_or_equiv 
_atom_site.pdbx_formal_charge 
_atom_site.auth_seq_id 
_atom_site.auth_comp_id 
_atom_site.auth_asym_id 
_atom_site.auth_atom_id 
_atom_site.pdbx_PDB_model_num 
ATOM   1   N  N   . ASP A 1 1  ? 28.163  0.132   9.866   1.00 21.60 ? 1    ASP A N   1 
ATOM   2   C  CA  . ASP A 1 1  ? 26.782  -0.274  10.209  1.00 20.68 ? 1    ASP A CA  1 
ATOM   3   C  C   . ASP A 1 1  ? 25.789  0.847   9.874   1.00 20.79 ? 1    ASP A C   1 
ATOM   4   O  O   . ASP A 1 1  ? 24.637  0.555   9.649   1.00 20.54 ? 1    ASP A O   1 
ATOM   5   C  CB  . ASP A 1 1  ? 26.633  -0.685  11.688  1.00 21.90 ? 1    ASP A CB  1 
ATOM   6   C  CG  . ASP A 1 1  ? 27.576  -1.930  12.105  1.00 19.90 ? 1    ASP A CG  1 
ATOM   7   O  OD1 . ASP A 1 1  ? 27.848  -2.971  11.313  1.00 28.25 ? 1    ASP A OD1 1 
ATOM   8   O  OD2 . ASP A 1 1  ? 28.001  -1.978  13.310  1.00 25.15 ? 1    ASP A OD2 1 
ATOM   9   N  N   . ILE A 1 2  ? 26.258  2.101   9.856   1.00 20.51 ? 2    ILE A N   1 
ATOM   10  C  CA  . ILE A 1 2  ? 25.462  3.276   9.445   1.00 20.33 ? 2    ILE A CA  1 
ATOM   11  C  C   . ILE A 1 2  ? 25.017  3.169   7.963   1.00 19.38 ? 2    ILE A C   1 
ATOM   12  O  O   . ILE A 1 2  ? 23.875  3.479   7.620   1.00 19.65 ? 2    ILE A O   1 
ATOM   13  C  CB  . ILE A 1 2  ? 26.223  4.616   9.772   1.00 20.06 ? 2    ILE A CB  1 
ATOM   14  C  CG1 . ILE A 1 2  ? 25.251  5.714   10.225  1.00 20.90 ? 2    ILE A CG1 1 
ATOM   15  C  CG2 . ILE A 1 2  ? 27.082  5.081   8.614   1.00 21.87 ? 2    ILE A CG2 1 
ATOM   16  C  CD1 . ILE A 1 2  ? 25.579  6.302   11.585  1.00 20.98 ? 2    ILE A CD1 1 
ATOM   17  N  N   . SER A 1 3  ? 25.928  2.697   7.112   1.00 18.73 ? 3    SER A N   1 
ATOM   18  C  CA  . SER A 1 3  ? 25.570  2.214   5.779   1.00 17.88 ? 3    SER A CA  1 
ATOM   19  C  C   . SER A 1 3  ? 24.348  1.303   5.889   1.00 16.62 ? 3    SER A C   1 
ATOM   20  O  O   . SER A 1 3  ? 23.520  1.273   4.985   1.00 15.38 ? 3    SER A O   1 
ATOM   21  C  CB  . SER A 1 3  ? 26.749  1.471   5.123   1.00 18.36 ? 3    SER A CB  1 
ATOM   22  O  OG  . SER A 1 3  ? 27.065  0.255   5.782   1.00 19.16 ? 3    SER A OG  1 
ATOM   23  N  N   . GLY A 1 4  ? 24.263  0.576   7.018   1.00 15.65 ? 4    GLY A N   1 
ATOM   24  C  CA  . GLY A 1 4  ? 23.168  -0.355  7.275   1.00 13.83 ? 4    GLY A CA  1 
ATOM   25  C  C   . GLY A 1 4  ? 21.816  0.334   7.376   1.00 12.06 ? 4    GLY A C   1 
ATOM   26  O  O   . GLY A 1 4  ? 20.821  -0.163  6.841   1.00 11.47 ? 4    GLY A O   1 
ATOM   27  N  N   . ILE A 1 5  ? 21.761  1.447   8.111   1.00 10.68 ? 5    ILE A N   1 
ATOM   28  C  CA  . ILE A 1 5  ? 20.475  2.168   8.224   1.00 10.61 ? 5    ILE A CA  1 
ATOM   29  C  C   . ILE A 1 5  ? 20.079  2.658   6.850   1.00 10.55 ? 5    ILE A C   1 
ATOM   30  O  O   . ILE A 1 5  ? 18.926  2.497   6.456   1.00 10.35 ? 5    ILE A O   1 
ATOM   31  C  CB  . ILE A 1 5  ? 20.515  3.357   9.221   1.00 10.38 ? 5    ILE A CB  1 
ATOM   32  C  CG1 . ILE A 1 5  ? 20.881  2.851   10.611  1.00 11.66 ? 5    ILE A CG1 1 
ATOM   33  C  CG2 . ILE A 1 5  ? 19.150  4.055   9.251   1.00 12.56 ? 5    ILE A CG2 1 
ATOM   34  C  CD1 . ILE A 1 5  ? 21.713  3.855   11.427  1.00 11.18 ? 5    ILE A CD1 1 
ATOM   35  N  N   . ASN A 1 6  ? 21.022  3.270   6.131   1.00 11.31 ? 6    ASN A N   1 
ATOM   36  C  CA  . ASN A 1 6  ? 20.710  3.787   4.799   1.00 11.19 ? 6    ASN A CA  1 
ATOM   37  C  C   . ASN A 1 6  ? 20.214  2.698   3.862   1.00 10.69 ? 6    ASN A C   1 
ATOM   38  O  O   . ASN A 1 6  ? 19.279  2.922   3.085   1.00 10.20 ? 6    ASN A O   1 
ATOM   39  C  CB  . ASN A 1 6  ? 21.904  4.536   4.173   1.00 12.91 ? 6    ASN A CB  1 
ATOM   40  C  CG  . ASN A 1 6  ? 21.665  4.884   2.693   1.00 17.06 ? 6    ASN A CG  1 
ATOM   41  O  OD1 . ASN A 1 6  ? 21.010  5.877   2.390   1.00 24.45 ? 6    ASN A OD1 1 
ATOM   42  N  ND2 . ASN A 1 6  ? 22.166  4.035   1.767   1.00 20.02 ? 6    ASN A ND2 1 
ATOM   43  N  N   . ALA A 1 7  ? 20.805  1.501   3.960   1.00 9.56  ? 7    ALA A N   1 
ATOM   44  C  CA  . ALA A 1 7  ? 20.411  0.392   3.098   1.00 8.35  ? 7    ALA A CA  1 
ATOM   45  C  C   . ALA A 1 7  ? 18.989  -0.028  3.387   1.00 9.55  ? 7    ALA A C   1 
ATOM   46  O  O   . ALA A 1 7  ? 18.238  -0.296  2.462   1.00 9.72  ? 7    ALA A O   1 
ATOM   47  C  CB  . ALA A 1 7  ? 21.355  -0.801  3.258   1.00 9.02  ? 7    ALA A CB  1 
ATOM   48  N  N   . SER A 1 8  ? 18.627  -0.096  4.662   1.00 9.01  ? 8    SER A N   1 
ATOM   49  C  CA  . SER A 1 8  ? 17.262  -0.492  5.017   1.00 9.12  ? 8    SER A CA  1 
ATOM   50  C  C   . SER A 1 8  ? 16.261  0.569   4.617   1.00 9.59  ? 8    SER A C   1 
ATOM   51  O  O   . SER A 1 8  ? 15.141  0.238   4.223   1.00 9.28  ? 8    SER A O   1 
ATOM   52  C  CB  . SER A 1 8  ? 17.153  -0.852  6.503   1.00 10.46 ? 8    SER A CB  1 
ATOM   53  O  OG  . SER A 1 8  ? 17.797  -2.114  6.713   1.00 12.36 ? 8    SER A OG  1 
ATOM   54  N  N   . VAL A 1 9  ? 16.629  1.851   4.710   1.00 8.83  ? 9    VAL A N   1 
ATOM   55  C  CA  . VAL A 1 9  ? 15.742  2.903   4.217   1.00 8.36  ? 9    VAL A CA  1 
ATOM   56  C  C   . VAL A 1 9  ? 15.442  2.716   2.717   1.00 9.55  ? 9    VAL A C   1 
ATOM   57  O  O   . VAL A 1 9  ? 14.281  2.777   2.295   1.00 9.71  ? 9    VAL A O   1 
ATOM   58  C  CB  . VAL A 1 9  ? 16.303  4.302   4.493   1.00 9.68  ? 9    VAL A CB  1 
ATOM   59  C  CG1 . VAL A 1 9  ? 15.455  5.349   3.773   1.00 9.30  ? 9    VAL A CG1 1 
ATOM   60  C  CG2 . VAL A 1 9  ? 16.306  4.563   5.965   1.00 10.04 ? 9    VAL A CG2 1 
ATOM   61  N  N   . VAL A 1 10 ? 16.496  2.458   1.925   1.00 8.28  ? 10   VAL A N   1 
ATOM   62  C  CA  . VAL A 1 10 ? 16.331  2.297   0.501   1.00 8.25  ? 10   VAL A CA  1 
ATOM   63  C  C   . VAL A 1 10 ? 15.475  1.048   0.225   1.00 7.53  ? 10   VAL A C   1 
ATOM   64  O  O   . VAL A 1 10 ? 14.567  1.082   -0.610  1.00 8.51  ? 10   VAL A O   1 
ATOM   65  C  CB  . VAL A 1 10 ? 17.703  2.225   -0.218  1.00 6.65  ? 10   VAL A CB  1 
ATOM   66  C  CG1 . VAL A 1 10 ? 17.540  1.808   -1.665  1.00 8.40  ? 10   VAL A CG1 1 
ATOM   67  C  CG2 . VAL A 1 10 ? 18.403  3.572   -0.128  1.00 8.06  ? 10   VAL A CG2 1 
ATOM   68  N  N   . ASN A 1 11 ? 15.770  -0.036  0.930   1.00 7.73  ? 11   ASN A N   1 
ATOM   69  C  CA  . ASN A 1 11 ? 15.025  -1.272  0.773   1.00 7.45  ? 11   ASN A CA  1 
ATOM   70  C  C   . ASN A 1 11 ? 13.563  -1.109  1.107   1.00 8.04  ? 11   ASN A C   1 
ATOM   71  O  O   . ASN A 1 11 ? 12.710  -1.595  0.377   1.00 9.48  ? 11   ASN A O   1 
ATOM   72  C  CB  . ASN A 1 11 ? 15.655  -2.378  1.606   1.00 6.73  ? 11   ASN A CB  1 
ATOM   73  C  CG  . ASN A 1 11 ? 16.977  -2.828  1.051   1.00 7.98  ? 11   ASN A CG  1 
ATOM   74  O  OD1 . ASN A 1 11 ? 17.253  -2.669  -0.149  1.00 8.39  ? 11   ASN A OD1 1 
ATOM   75  N  ND2 . ASN A 1 11 ? 17.810  -3.428  1.905   1.00 4.36  ? 11   ASN A ND2 1 
ATOM   76  N  N   . ILE A 1 12 ? 13.270  -0.442  2.218   1.00 7.81  ? 12   ILE A N   1 
ATOM   77  C  CA  . ILE A 1 12 ? 11.858  -0.309  2.621   1.00 9.53  ? 12   ILE A CA  1 
ATOM   78  C  C   . ILE A 1 12 ? 11.144  0.657   1.681   1.00 9.98  ? 12   ILE A C   1 
ATOM   79  O  O   . ILE A 1 12 ? 9.975   0.451   1.335   1.00 12.13 ? 12   ILE A O   1 
ATOM   80  C  CB  . ILE A 1 12 ? 11.735  0.097   4.078   1.00 8.48  ? 12   ILE A CB  1 
ATOM   81  C  CG1 . ILE A 1 12 ? 12.256  -1.034  4.981   1.00 9.55  ? 12   ILE A CG1 1 
ATOM   82  C  CG2 . ILE A 1 12 ? 10.242  0.463   4.444   1.00 11.22 ? 12   ILE A CG2 1 
ATOM   83  C  CD1 . ILE A 1 12 ? 12.554  -0.611  6.448   1.00 10.19 ? 12   ILE A CD1 1 
ATOM   84  N  N   . GLN A 1 13 ? 11.828  1.701   1.248   1.00 10.25 ? 13   GLN A N   1 
ATOM   85  C  CA  . GLN A 1 13 ? 11.267  2.569   0.235   1.00 9.12  ? 13   GLN A CA  1 
ATOM   86  C  C   . GLN A 1 13 ? 10.827  1.820   -1.038  1.00 9.14  ? 13   GLN A C   1 
ATOM   87  O  O   . GLN A 1 13 ? 9.754   2.114   -1.566  1.00 9.83  ? 13   GLN A O   1 
ATOM   88  C  CB  . GLN A 1 13 ? 12.241  3.700   -0.131  1.00 9.01  ? 13   GLN A CB  1 
ATOM   89  C  CG  . GLN A 1 13 ? 11.624  4.649   -1.159  1.00 9.64  ? 13   GLN A CG  1 
ATOM   90  C  CD  . GLN A 1 13 ? 10.472  5.498   -0.603  1.00 14.26 ? 13   GLN A CD  1 
ATOM   91  O  OE1 . GLN A 1 13 ? 10.711  6.416   0.186   1.00 18.18 ? 13   GLN A OE1 1 
ATOM   92  N  NE2 . GLN A 1 13 ? 9.258   5.224   -1.032  1.00 13.57 ? 13   GLN A NE2 1 
ATOM   93  N  N   . LYS A 1 14 ? 11.628  0.869   -1.501  1.00 8.84  ? 14   LYS A N   1 
ATOM   94  C  CA  . LYS A 1 14 ? 11.274  0.105   -2.688  1.00 9.35  ? 14   LYS A CA  1 
ATOM   95  C  C   . LYS A 1 14 ? 9.982   -0.686  -2.443  1.00 9.63  ? 14   LYS A C   1 
ATOM   96  O  O   . LYS A 1 14 ? 9.139   -0.811  -3.360  1.00 10.73 ? 14   LYS A O   1 
ATOM   97  C  CB  . LYS A 1 14 ? 12.414  -0.814  -3.061  1.00 9.05  ? 14   LYS A CB  1 
ATOM   98  C  CG  . LYS A 1 14 ? 12.146  -1.678  -4.264  1.00 11.70 ? 14   LYS A CG  1 
ATOM   99  C  CD  . LYS A 1 14 ? 13.319  -2.625  -4.436  1.00 13.91 ? 14   LYS A CD  1 
ATOM   100 C  CE  . LYS A 1 14 ? 13.283  -3.342  -5.757  1.00 14.83 ? 14   LYS A CE  1 
ATOM   101 N  NZ  . LYS A 1 14 ? 14.417  -4.328  -5.839  1.00 13.77 ? 14   LYS A NZ  1 
ATOM   102 N  N   . GLU A 1 15 ? 9.853   -1.257  -1.252  1.00 9.40  ? 15   GLU A N   1 
ATOM   103 C  CA  . GLU A 1 15 ? 8.627   -1.982  -0.886  1.00 9.35  ? 15   GLU A CA  1 
ATOM   104 C  C   . GLU A 1 15 ? 7.421   -1.075  -0.786  1.00 10.47 ? 15   GLU A C   1 
ATOM   105 O  O   . GLU A 1 15 ? 6.323   -1.468  -1.256  1.00 11.44 ? 15   GLU A O   1 
ATOM   106 C  CB  . GLU A 1 15 ? 8.817   -2.784  0.385   1.00 9.35  ? 15   GLU A CB  1 
ATOM   107 C  CG  . GLU A 1 15 ? 9.966   -3.816  0.249   1.00 10.48 ? 15   GLU A CG  1 
ATOM   108 C  CD  . GLU A 1 15 ? 9.934   -4.690  -1.018  1.00 12.22 ? 15   GLU A CD  1 
ATOM   109 O  OE1 . GLU A 1 15 ? 8.851   -5.148  -1.423  1.00 12.10 ? 15   GLU A OE1 1 
ATOM   110 O  OE2 . GLU A 1 15 ? 11.005  -5.003  -1.580  1.00 12.29 ? 15   GLU A OE2 1 
ATOM   111 N  N   . ILE A 1 16 ? 7.584   0.120   -0.203  1.00 8.63  ? 16   ILE A N   1 
ATOM   112 C  CA  . ILE A 1 16 ? 6.451   1.064   -0.156  1.00 8.71  ? 16   ILE A CA  1 
ATOM   113 C  C   . ILE A 1 16 ? 6.010   1.384   -1.602  1.00 9.33  ? 16   ILE A C   1 
ATOM   114 O  O   . ILE A 1 16 ? 4.814   1.448   -1.916  1.00 10.11 ? 16   ILE A O   1 
ATOM   115 C  CB  . ILE A 1 16 ? 6.847   2.357   0.588   1.00 7.54  ? 16   ILE A CB  1 
ATOM   116 C  CG1 . ILE A 1 16 ? 7.082   2.092   2.090   1.00 7.94  ? 16   ILE A CG1 1 
ATOM   117 C  CG2 . ILE A 1 16 ? 5.794   3.464   0.404   1.00 9.55  ? 16   ILE A CG2 1 
ATOM   118 C  CD1 . ILE A 1 16 ? 7.753   3.254   2.813   1.00 7.92  ? 16   ILE A CD1 1 
ATOM   119 N  N   . ASP A 1 17 ? 6.975   1.625   -2.481  1.00 9.47  ? 17   ASP A N   1 
ATOM   120 C  CA  . ASP A 1 17 ? 6.643   1.900   -3.889  1.00 9.54  ? 17   ASP A CA  1 
ATOM   121 C  C   . ASP A 1 17 ? 5.797   0.757   -4.478  1.00 10.89 ? 17   ASP A C   1 
ATOM   122 O  O   . ASP A 1 17 ? 4.826   1.009   -5.198  1.00 10.90 ? 17   ASP A O   1 
ATOM   123 C  CB  . ASP A 1 17 ? 7.917   2.080   -4.727  1.00 10.30 ? 17   ASP A CB  1 
ATOM   124 C  CG  . ASP A 1 17 ? 8.658   3.363   -4.420  1.00 13.02 ? 17   ASP A CG  1 
ATOM   125 O  OD1 . ASP A 1 17 ? 8.097   4.271   -3.788  1.00 12.95 ? 17   ASP A OD1 1 
ATOM   126 O  OD2 . ASP A 1 17 ? 9.830   3.554   -4.811  1.00 12.14 ? 17   ASP A OD2 1 
ATOM   127 N  N   . ARG A 1 18 ? 6.166   -0.485  -4.163  1.00 10.26 ? 18   ARG A N   1 
ATOM   128 C  CA  . ARG A 1 18 ? 5.461   -1.657  -4.702  1.00 10.13 ? 18   ARG A CA  1 
ATOM   129 C  C   . ARG A 1 18 ? 4.072   -1.715  -4.072  1.00 10.15 ? 18   ARG A C   1 
ATOM   130 O  O   . ARG A 1 18 ? 3.108   -2.022  -4.778  1.00 10.89 ? 18   ARG A O   1 
ATOM   131 C  CB  . ARG A 1 18 ? 6.227   -2.958  -4.441  1.00 10.33 ? 18   ARG A CB  1 
ATOM   132 C  CG  . ARG A 1 18 ? 7.528   -3.015  -5.217  1.00 14.10 ? 18   ARG A CG  1 
ATOM   133 C  CD  . ARG A 1 18 ? 8.328   -4.270  -5.028  1.00 21.13 ? 18   ARG A CD  1 
ATOM   134 N  NE  . ARG A 1 18 ? 9.423   -4.280  -5.994  1.00 23.71 ? 18   ARG A NE  1 
ATOM   135 C  CZ  . ARG A 1 18 ? 10.152  -5.347  -6.308  1.00 28.49 ? 18   ARG A CZ  1 
ATOM   136 N  NH1 . ARG A 1 18 ? 9.920   -6.523  -5.730  1.00 32.07 ? 18   ARG A NH1 1 
ATOM   137 N  NH2 . ARG A 1 18 ? 11.123  -5.238  -7.209  1.00 29.75 ? 18   ARG A NH2 1 
ATOM   138 N  N   . LEU A 1 19 ? 3.949   -1.457  -2.771  1.00 9.64  ? 19   LEU A N   1 
ATOM   139 C  CA  . LEU A 1 19 ? 2.610   -1.397  -2.118  1.00 9.70  ? 19   LEU A CA  1 
ATOM   140 C  C   . LEU A 1 19 ? 1.715   -0.357  -2.775  1.00 10.80 ? 19   LEU A C   1 
ATOM   141 O  O   . LEU A 1 19 ? 0.522   -0.618  -2.965  1.00 11.30 ? 19   LEU A O   1 
ATOM   142 C  CB  . LEU A 1 19 ? 2.665   -1.102  -0.605  1.00 9.05  ? 19   LEU A CB  1 
ATOM   143 C  CG  . LEU A 1 19 ? 3.405   -2.196  0.158   1.00 8.91  ? 19   LEU A CG  1 
ATOM   144 C  CD1 . LEU A 1 19 ? 3.559   -1.803  1.624   1.00 10.61 ? 19   LEU A CD1 1 
ATOM   145 C  CD2 . LEU A 1 19 ? 2.641   -3.516  0.072   1.00 10.37 ? 19   LEU A CD2 1 
ATOM   146 N  N   . ASN A 1 20 ? 2.270   0.821   -3.068  1.00 10.21 ? 20   ASN A N   1 
ATOM   147 C  CA  . ASN A 1 20 ? 1.484   1.846   -3.728  1.00 9.92  ? 20   ASN A CA  1 
ATOM   148 C  C   . ASN A 1 20 ? 0.999   1.400   -5.099  1.00 10.39 ? 20   ASN A C   1 
ATOM   149 O  O   . ASN A 1 20 ? -0.150  1.739   -5.495  1.00 9.99  ? 20   ASN A O   1 
ATOM   150 C  CB  . ASN A 1 20 ? 2.259   3.178   -3.784  1.00 10.06 ? 20   ASN A CB  1 
ATOM   151 C  CG  . ASN A 1 20 ? 2.384   3.848   -2.419  1.00 10.90 ? 20   ASN A CG  1 
ATOM   152 O  OD1 . ASN A 1 20 ? 3.360   4.582   -2.146  1.00 16.23 ? 20   ASN A OD1 1 
ATOM   153 N  ND2 . ASN A 1 20 ? 1.387   3.668   -1.582  1.00 12.19 ? 20   ASN A ND2 1 
ATOM   154 N  N   . GLU A 1 21 ? 1.822   0.641   -5.820  1.00 10.06 ? 21   GLU A N   1 
ATOM   155 C  CA  . GLU A 1 21 ? 1.448   0.135   -7.136  1.00 10.30 ? 21   GLU A CA  1 
ATOM   156 C  C   . GLU A 1 21 ? 0.370   -0.934  -6.997  1.00 10.25 ? 21   GLU A C   1 
ATOM   157 O  O   . GLU A 1 21 ? -0.569  -0.967  -7.807  1.00 8.90  ? 21   GLU A O   1 
ATOM   158 C  CB  . GLU A 1 21 ? 2.663   -0.432  -7.873  1.00 11.24 ? 21   GLU A CB  1 
ATOM   159 C  CG  . GLU A 1 21 ? 2.399   -0.850  -9.299  1.00 17.51 ? 21   GLU A CG  1 
ATOM   160 C  CD  . GLU A 1 21 ? 1.951   0.285   -10.209 1.00 23.92 ? 21   GLU A CD  1 
ATOM   161 O  OE1 . GLU A 1 21 ? 2.209   1.483   -9.909  1.00 26.87 ? 21   GLU A OE1 1 
ATOM   162 O  OE2 . GLU A 1 21 ? 1.338   -0.029  -11.257 1.00 30.35 ? 21   GLU A OE2 1 
ATOM   163 N  N   . VAL A 1 22 ? 0.485   -1.769  -5.973  1.00 10.30 ? 22   VAL A N   1 
ATOM   164 C  CA  . VAL A 1 22 ? -0.584  -2.755  -5.686  1.00 9.51  ? 22   VAL A CA  1 
ATOM   165 C  C   . VAL A 1 22 ? -1.904  -2.052  -5.417  1.00 9.40  ? 22   VAL A C   1 
ATOM   166 O  O   . VAL A 1 22 ? -2.985  -2.449  -5.950  1.00 9.78  ? 22   VAL A O   1 
ATOM   167 C  CB  . VAL A 1 22 ? -0.238  -3.745  -4.559  1.00 9.49  ? 22   VAL A CB  1 
ATOM   168 C  CG1 . VAL A 1 22 ? -1.484  -4.622  -4.219  1.00 9.30  ? 22   VAL A CG1 1 
ATOM   169 C  CG2 . VAL A 1 22 ? 0.918   -4.630  -4.995  1.00 11.59 ? 22   VAL A CG2 1 
ATOM   170 N  N   . ALA A 1 23 ? -1.864  -1.013  -4.577  1.00 9.03  ? 23   ALA A N   1 
ATOM   171 C  CA  . ALA A 1 23 ? -3.094  -0.318  -4.216  1.00 8.22  ? 23   ALA A CA  1 
ATOM   172 C  C   . ALA A 1 23 ? -3.745  0.269   -5.464  1.00 7.96  ? 23   ALA A C   1 
ATOM   173 O  O   . ALA A 1 23 ? -4.951  0.202   -5.593  1.00 7.54  ? 23   ALA A O   1 
ATOM   174 C  CB  . ALA A 1 23 ? -2.813  0.782   -3.207  1.00 7.75  ? 23   ALA A CB  1 
ATOM   175 N  N   . LYS A 1 24 ? -2.941  0.823   -6.381  1.00 8.23  ? 24   LYS A N   1 
ATOM   176 C  CA  . LYS A 1 24 ? -3.474  1.378   -7.649  1.00 8.59  ? 24   LYS A CA  1 
ATOM   177 C  C   . LYS A 1 24 ? -4.171  0.290   -8.471  1.00 8.58  ? 24   LYS A C   1 
ATOM   178 O  O   . LYS A 1 24 ? -5.245  0.514   -9.031  1.00 8.89  ? 24   LYS A O   1 
ATOM   179 C  CB  . LYS A 1 24 ? -2.324  1.978   -8.456  1.00 9.11  ? 24   LYS A CB  1 
ATOM   180 C  CG  . LYS A 1 24 ? -1.783  3.259   -7.867  1.00 15.63 ? 24   LYS A CG  1 
ATOM   181 C  CD  . LYS A 1 24 ? -0.942  4.036   -8.855  1.00 21.28 ? 24   LYS A CD  1 
ATOM   182 C  CE  . LYS A 1 24 ? -0.176  5.124   -8.134  1.00 24.52 ? 24   LYS A CE  1 
ATOM   183 N  NZ  . LYS A 1 24 ? 1.087   5.461   -8.825  1.00 24.84 ? 24   LYS A NZ  1 
ATOM   184 N  N   . ASN A 1 25 ? -3.547  -0.881  -8.544  1.00 8.72  ? 25   ASN A N   1 
ATOM   185 C  CA  . ASN A 1 25 ? -4.093  -1.976  -9.328  1.00 9.05  ? 25   ASN A CA  1 
ATOM   186 C  C   . ASN A 1 25 ? -5.350  -2.511  -8.694  1.00 8.64  ? 25   ASN A C   1 
ATOM   187 O  O   . ASN A 1 25 ? -6.303  -2.854  -9.379  1.00 8.89  ? 25   ASN A O   1 
ATOM   188 C  CB  . ASN A 1 25 ? -3.043  -3.095  -9.474  1.00 8.80  ? 25   ASN A CB  1 
ATOM   189 C  CG  . ASN A 1 25 ? -2.012  -2.768  -10.525 1.00 12.79 ? 25   ASN A CG  1 
ATOM   190 O  OD1 . ASN A 1 25 ? -2.285  -1.999  -11.443 1.00 17.03 ? 25   ASN A OD1 1 
ATOM   191 N  ND2 . ASN A 1 25 ? -0.817  -3.343  -10.405 1.00 16.74 ? 25   ASN A ND2 1 
ATOM   192 N  N   . LEU A 1 26 ? -5.361  -2.582  -7.368  1.00 7.65  ? 26   LEU A N   1 
ATOM   193 C  CA  . LEU A 1 26 ? -6.558  -3.079  -6.657  1.00 7.38  ? 26   LEU A CA  1 
ATOM   194 C  C   . LEU A 1 26 ? -7.699  -2.115  -6.839  1.00 8.18  ? 26   LEU A C   1 
ATOM   195 O  O   . LEU A 1 26 ? -8.846  -2.537  -7.000  1.00 8.74  ? 26   LEU A O   1 
ATOM   196 C  CB  . LEU A 1 26 ? -6.240  -3.282  -5.177  1.00 7.13  ? 26   LEU A CB  1 
ATOM   197 C  CG  . LEU A 1 26 ? -5.401  -4.523  -4.900  1.00 6.63  ? 26   LEU A CG  1 
ATOM   198 C  CD1 . LEU A 1 26 ? -5.154  -4.585  -3.389  1.00 8.25  ? 26   LEU A CD1 1 
ATOM   199 C  CD2 . LEU A 1 26 ? -6.105  -5.833  -5.249  1.00 7.84  ? 26   LEU A CD2 1 
ATOM   200 N  N   . ASN A 1 27 ? -7.394  -0.822  -6.880  1.00 8.68  ? 27   ASN A N   1 
ATOM   201 C  CA  . ASN A 1 27 ? -8.429  0.200   -7.097  1.00 8.29  ? 27   ASN A CA  1 
ATOM   202 C  C   . ASN A 1 27 ? -9.018  0.030   -8.491  1.00 8.14  ? 27   ASN A C   1 
ATOM   203 O  O   . ASN A 1 27 ? -10.219 0.169   -8.675  1.00 7.10  ? 27   ASN A O   1 
ATOM   204 C  CB  . ASN A 1 27 ? -7.857  1.610   -6.961  1.00 8.80  ? 27   ASN A CB  1 
ATOM   205 C  CG  . ASN A 1 27 ? -7.889  2.108   -5.532  1.00 13.41 ? 27   ASN A CG  1 
ATOM   206 O  OD1 . ASN A 1 27 ? -8.936  2.066   -4.885  1.00 21.07 ? 27   ASN A OD1 1 
ATOM   207 N  ND2 . ASN A 1 27 ? -6.744  2.597   -5.036  1.00 17.84 ? 27   ASN A ND2 1 
ATOM   208 N  N   . GLU A 1 28 ? -8.163  -0.292  -9.457  1.00 7.37  ? 28   GLU A N   1 
ATOM   209 C  CA  . GLU A 1 28 ? -8.646  -0.580  -10.811 1.00 8.11  ? 28   GLU A CA  1 
ATOM   210 C  C   . GLU A 1 28 ? -9.559  -1.816  -10.852 1.00 6.98  ? 28   GLU A C   1 
ATOM   211 O  O   . GLU A 1 28 ? -10.607 -1.807  -11.555 1.00 7.34  ? 28   GLU A O   1 
ATOM   212 C  CB  . GLU A 1 28 ? -7.479  -0.733  -11.787 1.00 9.59  ? 28   GLU A CB  1 
ATOM   213 C  CG  . GLU A 1 28 ? -6.857  0.592   -12.202 1.00 13.69 ? 28   GLU A CG  1 
ATOM   214 C  CD  . GLU A 1 28 ? -7.616  1.340   -13.323 1.00 22.17 ? 28   GLU A CD  1 
ATOM   215 O  OE1 . GLU A 1 28 ? -8.795  1.035   -13.673 1.00 24.71 ? 28   GLU A OE1 1 
ATOM   216 O  OE2 . GLU A 1 28 ? -7.014  2.279   -13.888 1.00 26.69 ? 28   GLU A OE2 1 
ATOM   217 N  N   . SER A 1 29 ? -9.189  -2.873  -10.118 1.00 6.98  ? 29   SER A N   1 
ATOM   218 C  CA  . SER A 1 29 ? -10.018 -4.079  -10.066 1.00 7.17  ? 29   SER A CA  1 
ATOM   219 C  C   . SER A 1 29 ? -11.332 -3.772  -9.357  1.00 6.81  ? 29   SER A C   1 
ATOM   220 O  O   . SER A 1 29 ? -12.362 -4.289  -9.735  1.00 6.61  ? 29   SER A O   1 
ATOM   221 C  CB  . SER A 1 29 ? -9.284  -5.245  -9.378  1.00 7.85  ? 29   SER A CB  1 
ATOM   222 O  OG  . SER A 1 29 ? -8.331  -5.765  -10.298 1.00 7.92  ? 29   SER A OG  1 
ATOM   223 N  N   . LEU A 1 30 ? -11.291 -2.920  -8.336  1.00 5.96  ? 30   LEU A N   1 
ATOM   224 C  CA  . LEU A 1 30 ? -12.522 -2.490  -7.689  1.00 7.11  ? 30   LEU A CA  1 
ATOM   225 C  C   . LEU A 1 30 ? -13.480 -1.822  -8.673  1.00 7.40  ? 30   LEU A C   1 
ATOM   226 O  O   . LEU A 1 30 ? -14.672 -2.120  -8.694  1.00 6.97  ? 30   LEU A O   1 
ATOM   227 C  CB  . LEU A 1 30 ? -12.206 -1.550  -6.520  1.00 7.90  ? 30   LEU A CB  1 
ATOM   228 C  CG  . LEU A 1 30 ? -13.342 -1.209  -5.560  1.00 10.24 ? 30   LEU A CG  1 
ATOM   229 C  CD1 . LEU A 1 30 ? -13.844 -2.461  -4.882  1.00 15.36 ? 30   LEU A CD1 1 
ATOM   230 C  CD2 . LEU A 1 30 ? -12.753 -0.285  -4.510  1.00 10.96 ? 30   LEU A CD2 1 
ATOM   231 N  N   . ILE A 1 31 ? -12.956 -0.934  -9.509  1.00 7.82  ? 31   ILE A N   1 
ATOM   232 C  CA  . ILE A 1 31 ? -13.751 -0.303  -10.560 1.00 8.18  ? 31   ILE A CA  1 
ATOM   233 C  C   . ILE A 1 31 ? -14.313 -1.341  -11.533 1.00 7.79  ? 31   ILE A C   1 
ATOM   234 O  O   . ILE A 1 31 ? -15.505 -1.318  -11.823 1.00 8.97  ? 31   ILE A O   1 
ATOM   235 C  CB  . ILE A 1 31 ? -12.943 0.783   -11.293 1.00 8.82  ? 31   ILE A CB  1 
ATOM   236 C  CG1 . ILE A 1 31 ? -12.726 1.967   -10.350 1.00 9.23  ? 31   ILE A CG1 1 
ATOM   237 C  CG2 . ILE A 1 31 ? -13.681 1.221   -12.553 1.00 10.58 ? 31   ILE A CG2 1 
ATOM   238 C  CD1 . ILE A 1 31 ? -11.626 2.918   -10.758 1.00 13.01 ? 31   ILE A CD1 1 
ATOM   239 N  N   . ASP A 1 32 ? -13.478 -2.281  -11.970 1.00 8.17  ? 32   ASP A N   1 
ATOM   240 C  CA  . ASP A 1 32 ? -13.931 -3.367  -12.844 1.00 7.52  ? 32   ASP A CA  1 
ATOM   241 C  C   . ASP A 1 32 ? -15.110 -4.087  -12.194 1.00 7.35  ? 32   ASP A C   1 
ATOM   242 O  O   . ASP A 1 32 ? -16.116 -4.331  -12.840 1.00 8.03  ? 32   ASP A O   1 
ATOM   243 C  CB  . ASP A 1 32 ? -12.834 -4.411  -13.097 1.00 7.31  ? 32   ASP A CB  1 
ATOM   244 C  CG  . ASP A 1 32 ? -11.648 -3.875  -13.892 1.00 8.42  ? 32   ASP A CG  1 
ATOM   245 O  OD1 . ASP A 1 32 ? -11.784 -2.838  -14.603 1.00 9.08  ? 32   ASP A OD1 1 
ATOM   246 O  OD2 . ASP A 1 32 ? -10.555 -4.471  -13.870 1.00 10.98 ? 32   ASP A OD2 1 
ATOM   247 N  N   . LEU A 1 33 ? -14.993 -4.414  -10.903 1.00 8.03  ? 33   LEU A N   1 
ATOM   248 C  CA  . LEU A 1 33 ? -16.055 -5.169  -10.232 1.00 8.71  ? 33   LEU A CA  1 
ATOM   249 C  C   . LEU A 1 33 ? -17.313 -4.337  -10.070 1.00 10.79 ? 33   LEU A C   1 
ATOM   250 O  O   . LEU A 1 33 ? -18.424 -4.882  -10.174 1.00 13.02 ? 33   LEU A O   1 
ATOM   251 C  CB  . LEU A 1 33 ? -15.597 -5.664  -8.857  1.00 7.21  ? 33   LEU A CB  1 
ATOM   252 C  CG  . LEU A 1 33 ? -14.607 -6.827  -8.962  1.00 5.20  ? 33   LEU A CG  1 
ATOM   253 C  CD1 . LEU A 1 33 ? -14.005 -7.080  -7.584  1.00 5.27  ? 33   LEU A CD1 1 
ATOM   254 C  CD2 . LEU A 1 33 ? -15.348 -8.062  -9.477  1.00 4.22  ? 33   LEU A CD2 1 
ATOM   255 N  N   . GLN A 1 34 ? -17.148 -3.039  -9.829  1.00 12.94 ? 34   GLN A N   1 
ATOM   256 C  CA  . GLN A 1 34 ? -18.301 -2.112  -9.775  1.00 16.02 ? 34   GLN A CA  1 
ATOM   257 C  C   . GLN A 1 34 ? -19.060 -2.092  -11.100 1.00 17.38 ? 34   GLN A C   1 
ATOM   258 O  O   . GLN A 1 34 ? -20.315 -2.028  -11.141 1.00 17.41 ? 34   GLN A O   1 
ATOM   259 C  CB  . GLN A 1 34 ? -17.814 -0.708  -9.404  1.00 16.96 ? 34   GLN A CB  1 
ATOM   260 C  CG  . GLN A 1 34 ? -17.663 -0.461  -7.906  1.00 19.57 ? 34   GLN A CG  1 
ATOM   261 C  CD  . GLN A 1 34 ? -16.737 0.703   -7.565  1.00 24.84 ? 34   GLN A CD  1 
ATOM   262 O  OE1 . GLN A 1 34 ? -16.291 0.833   -6.421  1.00 26.87 ? 34   GLN A OE1 1 
ATOM   263 N  NE2 . GLN A 1 34 ? -16.444 1.546   -8.550  1.00 27.23 ? 34   GLN A NE2 1 
ATOM   264 N  N   . GLU A 1 35 ? -18.316 -2.179  -12.196 1.00 18.51 ? 35   GLU A N   1 
ATOM   265 C  CA  . GLU A 1 35 ? -18.927 -2.203  -13.513 1.00 19.92 ? 35   GLU A CA  1 
ATOM   266 C  C   . GLU A 1 35 ? -19.755 -3.466  -13.700 1.00 20.40 ? 35   GLU A C   1 
ATOM   267 O  O   . GLU A 1 35 ? -20.800 -3.419  -14.341 1.00 21.10 ? 35   GLU A O   1 
ATOM   268 C  CB  . GLU A 1 35 ? -17.890 -2.064  -14.622 1.00 20.09 ? 35   GLU A CB  1 
ATOM   269 C  CG  . GLU A 1 35 ? -17.051 -0.803  -14.515 1.00 22.34 ? 35   GLU A CG  1 
ATOM   270 C  CD  . GLU A 1 35 ? -17.597 0.369   -15.307 1.00 25.99 ? 35   GLU A CD  1 
ATOM   271 O  OE1 . GLU A 1 35 ? -18.651 0.224   -15.981 1.00 27.85 ? 35   GLU A OE1 1 
ATOM   272 O  OE2 . GLU A 1 35 ? -16.959 1.446   -15.250 1.00 28.92 ? 35   GLU A OE2 1 
ATOM   273 N  N   . LEU A 1 36 ? -19.295 -4.590  -13.158 1.00 20.30 ? 36   LEU A N   1 
ATOM   274 C  CA  . LEU A 1 36 ? -20.153 -5.764  -13.085 1.00 21.01 ? 36   LEU A CA  1 
ATOM   275 C  C   . LEU A 1 36 ? -21.277 -5.535  -12.037 1.00 21.23 ? 36   LEU A C   1 
ATOM   276 O  O   . LEU A 1 36 ? -22.442 -5.876  -12.300 1.00 21.25 ? 36   LEU A O   1 
ATOM   277 C  CB  . LEU A 1 36 ? -19.356 -7.073  -12.845 1.00 20.59 ? 36   LEU A CB  1 
ATOM   278 C  CG  . LEU A 1 36 ? -17.929 -7.301  -13.400 1.00 20.51 ? 36   LEU A CG  1 
ATOM   279 C  CD1 . LEU A 1 36 ? -17.268 -8.534  -12.764 1.00 21.07 ? 36   LEU A CD1 1 
ATOM   280 C  CD2 . LEU A 1 36 ? -17.852 -7.394  -14.906 1.00 23.28 ? 36   LEU A CD2 1 
ATOM   281 N  N   . GLY A 1 37 ? -20.920 -4.923  -10.891 1.00 21.61 ? 37   GLY A N   1 
ATOM   282 C  CA  . GLY A 1 37 ? -21.801 -4.717  -9.740  1.00 22.18 ? 37   GLY A CA  1 
ATOM   283 C  C   . GLY A 1 37 ? -23.072 -3.890  -9.941  1.00 22.99 ? 37   GLY A C   1 
ATOM   284 O  O   . GLY A 1 37 ? -24.184 -4.323  -9.580  1.00 23.36 ? 37   GLY A O   1 
ATOM   285 N  N   . LYS A 1 38 ? -22.939 -2.691  -10.500 1.00 23.05 ? 38   LYS A N   1 
ATOM   286 C  CA  . LYS A 1 38 ? -24.136 -1.953  -10.907 1.00 23.46 ? 38   LYS A CA  1 
ATOM   287 C  C   . LYS A 1 38 ? -24.468 -2.265  -12.373 1.00 23.35 ? 38   LYS A C   1 
ATOM   288 O  O   . LYS A 1 38 ? -25.358 -3.089  -12.678 1.00 23.89 ? 38   LYS A O   1 
ATOM   289 C  CB  . LYS A 1 38 ? -23.981 -0.446  -10.617 1.00 23.65 ? 38   LYS A CB  1 
ATOM   290 C  CG  . LYS A 1 38 ? -23.725 0.471   -11.821 1.00 24.67 ? 38   LYS A CG  1 
ATOM   291 C  CD  . LYS A 1 38 ? -22.244 0.508   -12.209 1.00 25.19 ? 38   LYS A CD  1 
ATOM   292 C  CE  . LYS A 1 38 ? -22.079 0.714   -13.713 1.00 26.04 ? 38   LYS A CE  1 
ATOM   293 N  NZ  . LYS A 1 38 ? -22.573 -0.448  -14.509 1.00 25.19 ? 38   LYS A NZ  1 
ATOM   294 N  N   . GLY B 1 4  ? -23.759 -9.606  -3.352  1.00 19.95 ? 4    GLY B N   1 
ATOM   295 C  CA  . GLY B 1 4  ? -23.053 -10.548 -4.286  1.00 19.26 ? 4    GLY B CA  1 
ATOM   296 C  C   . GLY B 1 4  ? -21.701 -9.969  -4.663  1.00 18.24 ? 4    GLY B C   1 
ATOM   297 O  O   . GLY B 1 4  ? -20.740 -10.002 -3.869  1.00 19.39 ? 4    GLY B O   1 
ATOM   298 N  N   . ILE B 1 5  ? -21.609 -9.436  -5.881  1.00 16.90 ? 5    ILE B N   1 
ATOM   299 C  CA  . ILE B 1 5  ? -20.428 -8.661  -6.244  1.00 14.60 ? 5    ILE B CA  1 
ATOM   300 C  C   . ILE B 1 5  ? -20.310 -7.472  -5.273  1.00 14.28 ? 5    ILE B C   1 
ATOM   301 O  O   . ILE B 1 5  ? -19.212 -7.126  -4.833  1.00 12.56 ? 5    ILE B O   1 
ATOM   302 C  CB  . ILE B 1 5  ? -20.437 -8.213  -7.724  1.00 14.79 ? 5    ILE B CB  1 
ATOM   303 C  CG1 . ILE B 1 5  ? -20.327 -9.438  -8.636  1.00 14.37 ? 5    ILE B CG1 1 
ATOM   304 C  CG2 . ILE B 1 5  ? -19.252 -7.270  -8.011  1.00 14.54 ? 5    ILE B CG2 1 
ATOM   305 C  CD1 . ILE B 1 5  ? -20.947 -9.270  -10.032 1.00 14.27 ? 5    ILE B CD1 1 
ATOM   306 N  N   . ASN B 1 6  ? -21.436 -6.873  -4.899  1.00 14.20 ? 6    ASN B N   1 
ATOM   307 C  CA  . ASN B 1 6  ? -21.378 -5.748  -3.953  1.00 14.25 ? 6    ASN B CA  1 
ATOM   308 C  C   . ASN B 1 6  ? -20.757 -6.070  -2.602  1.00 14.09 ? 6    ASN B C   1 
ATOM   309 O  O   . ASN B 1 6  ? -19.998 -5.257  -2.076  1.00 13.13 ? 6    ASN B O   1 
ATOM   310 C  CB  . ASN B 1 6  ? -22.736 -5.051  -3.846  1.00 15.55 ? 6    ASN B CB  1 
ATOM   311 C  CG  . ASN B 1 6  ? -23.202 -4.512  -5.192  1.00 16.17 ? 6    ASN B CG  1 
ATOM   312 O  OD1 . ASN B 1 6  ? -22.499 -3.719  -5.832  1.00 20.28 ? 6    ASN B OD1 1 
ATOM   313 N  ND2 . ASN B 1 6  ? -24.365 -4.963  -5.647  1.00 21.08 ? 6    ASN B ND2 1 
ATOM   314 N  N   . ALA B 1 7  ? -21.032 -7.258  -2.066  1.00 13.49 ? 7    ALA B N   1 
ATOM   315 C  CA  . ALA B 1 7  ? -20.377 -7.698  -0.831  1.00 13.43 ? 7    ALA B CA  1 
ATOM   316 C  C   . ALA B 1 7  ? -18.845 -7.723  -0.981  1.00 13.04 ? 7    ALA B C   1 
ATOM   317 O  O   . ALA B 1 7  ? -18.138 -7.285  -0.080  1.00 13.32 ? 7    ALA B O   1 
ATOM   318 C  CB  . ALA B 1 7  ? -20.892 -9.064  -0.408  1.00 14.62 ? 7    ALA B CB  1 
ATOM   319 N  N   . SER B 1 8  ? -18.354 -8.222  -2.116  1.00 12.16 ? 8    SER B N   1 
ATOM   320 C  CA  . SER B 1 8  ? -16.921 -8.254  -2.366  1.00 11.73 ? 8    SER B CA  1 
ATOM   321 C  C   . SER B 1 8  ? -16.352 -6.864  -2.632  1.00 10.34 ? 8    SER B C   1 
ATOM   322 O  O   . SER B 1 8  ? -15.222 -6.585  -2.236  1.00 10.37 ? 8    SER B O   1 
ATOM   323 C  CB  . SER B 1 8  ? -16.564 -9.236  -3.482  1.00 12.92 ? 8    SER B CB  1 
ATOM   324 O  OG  . SER B 1 8  ? -16.907 -10.565 -3.076  1.00 15.59 ? 8    SER B OG  1 
ATOM   325 N  N   . VAL B 1 9  ? -17.116 -6.001  -3.304  1.00 8.64  ? 9    VAL B N   1 
ATOM   326 C  CA  . VAL B 1 9  ? -16.662 -4.619  -3.507  1.00 8.55  ? 9    VAL B CA  1 
ATOM   327 C  C   . VAL B 1 9  ? -16.419 -3.940  -2.149  1.00 8.26  ? 9    VAL B C   1 
ATOM   328 O  O   . VAL B 1 9  ? -15.411 -3.266  -1.930  1.00 8.36  ? 9    VAL B O   1 
ATOM   329 C  CB  . VAL B 1 9  ? -17.667 -3.797  -4.344  1.00 8.77  ? 9    VAL B CB  1 
ATOM   330 C  CG1 . VAL B 1 9  ? -17.360 -2.303  -4.274  1.00 8.66  ? 9    VAL B CG1 1 
ATOM   331 C  CG2 . VAL B 1 9  ? -17.632 -4.251  -5.803  1.00 7.86  ? 9    VAL B CG2 1 
ATOM   332 N  N   . VAL B 1 10 ? -17.349 -4.122  -1.226  1.00 7.81  ? 10   VAL B N   1 
ATOM   333 C  CA  . VAL B 1 10 ? -17.175 -3.535  0.125   1.00 8.45  ? 10   VAL B CA  1 
ATOM   334 C  C   . VAL B 1 10 ? -15.932 -4.090  0.835   1.00 8.71  ? 10   VAL B C   1 
ATOM   335 O  O   . VAL B 1 10 ? -15.149 -3.335  1.425   1.00 10.54 ? 10   VAL B O   1 
ATOM   336 C  CB  . VAL B 1 10 ? -18.419 -3.779  1.002   1.00 7.96  ? 10   VAL B CB  1 
ATOM   337 C  CG1 . VAL B 1 10 ? -18.148 -3.408  2.469   1.00 11.35 ? 10   VAL B CG1 1 
ATOM   338 C  CG2 . VAL B 1 10 ? -19.585 -2.964  0.462   1.00 9.34  ? 10   VAL B CG2 1 
ATOM   339 N  N   . ASN B 1 11 ? -15.768 -5.403  0.776   1.00 8.53  ? 11   ASN B N   1 
ATOM   340 C  CA  . ASN B 1 11 ? -14.671 -6.083  1.475   1.00 9.40  ? 11   ASN B CA  1 
ATOM   341 C  C   . ASN B 1 11 ? -13.336 -5.700  0.867   1.00 9.94  ? 11   ASN B C   1 
ATOM   342 O  O   . ASN B 1 11 ? -12.370 -5.442  1.576   1.00 10.66 ? 11   ASN B O   1 
ATOM   343 C  CB  . ASN B 1 11 ? -14.889 -7.594  1.441   1.00 9.56  ? 11   ASN B CB  1 
ATOM   344 C  CG  . ASN B 1 11 ? -16.080 -8.046  2.301   1.00 10.83 ? 11   ASN B CG  1 
ATOM   345 O  OD1 . ASN B 1 11 ? -16.721 -9.064  2.000   1.00 16.86 ? 11   ASN B OD1 1 
ATOM   346 N  ND2 . ASN B 1 11 ? -16.369 -7.306  3.360   1.00 12.20 ? 11   ASN B ND2 1 
ATOM   347 N  N   . ILE B 1 12 ? -13.283 -5.590  -0.454  1.00 8.86  ? 12   ILE B N   1 
ATOM   348 C  CA  . ILE B 1 12 ? -12.026 -5.204  -1.098  1.00 9.51  ? 12   ILE B CA  1 
ATOM   349 C  C   . ILE B 1 12 ? -11.692 -3.752  -0.831  1.00 9.28  ? 12   ILE B C   1 
ATOM   350 O  O   . ILE B 1 12 ? -10.523 -3.410  -0.626  1.00 10.11 ? 12   ILE B O   1 
ATOM   351 C  CB  . ILE B 1 12 ? -12.060 -5.528  -2.586  1.00 9.12  ? 12   ILE B CB  1 
ATOM   352 C  CG1 . ILE B 1 12 ? -12.133 -7.062  -2.787  1.00 7.91  ? 12   ILE B CG1 1 
ATOM   353 C  CG2 . ILE B 1 12 ? -10.831 -4.910  -3.342  1.00 9.97  ? 12   ILE B CG2 1 
ATOM   354 C  CD1 . ILE B 1 12 ? -12.526 -7.522  -4.222  1.00 7.45  ? 12   ILE B CD1 1 
ATOM   355 N  N   . GLN B 1 13 ? -12.694 -2.874  -0.857  1.00 8.67  ? 13   GLN B N   1 
ATOM   356 C  CA  . GLN B 1 13 ? -12.443 -1.474  -0.523  1.00 7.86  ? 13   GLN B CA  1 
ATOM   357 C  C   . GLN B 1 13 ? -11.816 -1.368  0.869   1.00 8.70  ? 13   GLN B C   1 
ATOM   358 O  O   . GLN B 1 13 ? -10.897 -0.572  1.085   1.00 8.72  ? 13   GLN B O   1 
ATOM   359 C  CB  . GLN B 1 13 ? -13.741 -0.657  -0.570  1.00 7.77  ? 13   GLN B CB  1 
ATOM   360 C  CG  . GLN B 1 13 ? -13.505 0.807   -0.176  1.00 7.93  ? 13   GLN B CG  1 
ATOM   361 C  CD  . GLN B 1 13 ? -12.704 1.554   -1.212  1.00 11.82 ? 13   GLN B CD  1 
ATOM   362 O  OE1 . GLN B 1 13 ? -13.227 1.875   -2.280  1.00 16.98 ? 13   GLN B OE1 1 
ATOM   363 N  NE2 . GLN B 1 13 ? -11.466 1.868   -0.898  1.00 13.87 ? 13   GLN B NE2 1 
ATOM   364 N  N   . LYS B 1 14 ? -12.333 -2.145  1.821   1.00 8.30  ? 14   LYS B N   1 
ATOM   365 C  CA  . LYS B 1 14 ? -11.777 -2.160  3.187   1.00 9.29  ? 14   LYS B CA  1 
ATOM   366 C  C   . LYS B 1 14 ? -10.300 -2.558  3.173   1.00 9.87  ? 14   LYS B C   1 
ATOM   367 O  O   . LYS B 1 14 ? -9.479  -2.002  3.932   1.00 10.44 ? 14   LYS B O   1 
ATOM   368 C  CB  . LYS B 1 14 ? -12.594 -3.090  4.082   1.00 10.07 ? 14   LYS B CB  1 
ATOM   369 C  CG  . LYS B 1 14 ? -12.017 -3.292  5.454   1.00 14.31 ? 14   LYS B CG  1 
ATOM   370 C  CD  . LYS B 1 14 ? -11.910 -1.940  6.170   1.00 20.42 ? 14   LYS B CD  1 
ATOM   371 C  CE  . LYS B 1 14 ? -10.530 -1.738  6.855   1.00 27.38 ? 14   LYS B CE  1 
ATOM   372 N  NZ  . LYS B 1 14 ? -9.717  -0.543  6.434   1.00 30.01 ? 14   LYS B NZ  1 
ATOM   373 N  N   . GLU B 1 15 ? -9.959  -3.518  2.323   1.00 9.29  ? 15   GLU B N   1 
ATOM   374 C  CA  . GLU B 1 15 ? -8.573  -3.948  2.243   1.00 9.76  ? 15   GLU B CA  1 
ATOM   375 C  C   . GLU B 1 15 ? -7.689  -2.952  1.552   1.00 10.48 ? 15   GLU B C   1 
ATOM   376 O  O   . GLU B 1 15 ? -6.509  -2.865  1.903   1.00 11.31 ? 15   GLU B O   1 
ATOM   377 C  CB  . GLU B 1 15 ? -8.431  -5.357  1.640   1.00 10.58 ? 15   GLU B CB  1 
ATOM   378 C  CG  . GLU B 1 15 ? -9.114  -6.432  2.476   1.00 9.42  ? 15   GLU B CG  1 
ATOM   379 C  CD  . GLU B 1 15 ? -8.815  -6.325  3.971   1.00 9.01  ? 15   GLU B CD  1 
ATOM   380 O  OE1 . GLU B 1 15 ? -7.638  -6.204  4.348   1.00 9.34  ? 15   GLU B OE1 1 
ATOM   381 O  OE2 . GLU B 1 15 ? -9.765  -6.492  4.765   1.00 10.31 ? 15   GLU B OE2 1 
ATOM   382 N  N   . ILE B 1 16 ? -8.201  -2.232  0.551   1.00 9.05  ? 16   ILE B N   1 
ATOM   383 C  CA  . ILE B 1 16 ? -7.414  -1.155  -0.061  1.00 8.94  ? 16   ILE B CA  1 
ATOM   384 C  C   . ILE B 1 16 ? -7.174  -0.080  0.996   1.00 9.74  ? 16   ILE B C   1 
ATOM   385 O  O   . ILE B 1 16 ? -6.047  0.434   1.105   1.00 10.11 ? 16   ILE B O   1 
ATOM   386 C  CB  . ILE B 1 16 ? -8.124  -0.571  -1.299  1.00 8.46  ? 16   ILE B CB  1 
ATOM   387 C  CG1 . ILE B 1 16 ? -8.133  -1.617  -2.415  1.00 8.42  ? 16   ILE B CG1 1 
ATOM   388 C  CG2 . ILE B 1 16 ? -7.410  0.722   -1.803  1.00 10.16 ? 16   ILE B CG2 1 
ATOM   389 C  CD1 . ILE B 1 16 ? -9.123  -1.280  -3.538  1.00 8.59  ? 16   ILE B CD1 1 
ATOM   390 N  N   . ASP B 1 17 ? -8.190  0.238   1.791   1.00 9.06  ? 17   ASP B N   1 
ATOM   391 C  CA  . ASP B 1 17 ? -7.992  1.230   2.884   1.00 10.34 ? 17   ASP B CA  1 
ATOM   392 C  C   . ASP B 1 17 ? -6.901  0.721   3.859   1.00 11.03 ? 17   ASP B C   1 
ATOM   393 O  O   . ASP B 1 17 ? -5.996  1.480   4.283   1.00 11.05 ? 17   ASP B O   1 
ATOM   394 C  CB  . ASP B 1 17 ? -9.292  1.399   3.645   1.00 10.08 ? 17   ASP B CB  1 
ATOM   395 C  CG  . ASP B 1 17 ? -10.352 2.136   2.866   1.00 13.80 ? 17   ASP B CG  1 
ATOM   396 O  OD1 . ASP B 1 17 ? -10.062 2.743   1.818   1.00 13.95 ? 17   ASP B OD1 1 
ATOM   397 O  OD2 . ASP B 1 17 ? -11.523 2.191   3.283   1.00 16.03 ? 17   ASP B OD2 1 
ATOM   398 N  N   . ARG B 1 18 ? -6.955  -0.570  4.187   1.00 10.51 ? 18   ARG B N   1 
ATOM   399 C  CA  . ARG B 1 18 ? -5.943  -1.151  5.105   1.00 9.69  ? 18   ARG B CA  1 
ATOM   400 C  C   . ARG B 1 18 ? -4.553  -1.081  4.475   1.00 10.34 ? 18   ARG B C   1 
ATOM   401 O  O   . ARG B 1 18 ? -3.557  -0.784  5.147   1.00 10.55 ? 18   ARG B O   1 
ATOM   402 C  CB  . ARG B 1 18 ? -6.284  -2.616  5.464   1.00 9.01  ? 18   ARG B CB  1 
ATOM   403 C  CG  . ARG B 1 18 ? -5.582  -3.093  6.749   1.00 7.13  ? 18   ARG B CG  1 
ATOM   404 C  CD  . ARG B 1 18 ? -5.808  -4.592  7.050   1.00 6.11  ? 18   ARG B CD  1 
ATOM   405 N  NE  . ARG B 1 18 ? -7.192  -4.962  6.821   1.00 8.33  ? 18   ARG B NE  1 
ATOM   406 C  CZ  . ARG B 1 18 ? -8.171  -4.756  7.688   1.00 8.51  ? 18   ARG B CZ  1 
ATOM   407 N  NH1 . ARG B 1 18 ? -7.934  -4.229  8.908   1.00 8.05  ? 18   ARG B NH1 1 
ATOM   408 N  NH2 . ARG B 1 18 ? -9.405  -5.141  7.367   1.00 8.90  ? 18   ARG B NH2 1 
ATOM   409 N  N   . LEU B 1 19 ? -4.465  -1.436  3.197   1.00 9.14  ? 19   LEU B N   1 
ATOM   410 C  CA  . LEU B 1 19 ? -3.179  -1.389  2.483   1.00 9.20  ? 19   LEU B CA  1 
ATOM   411 C  C   . LEU B 1 19 ? -2.608  0.028   2.437   1.00 10.61 ? 19   LEU B C   1 
ATOM   412 O  O   . LEU B 1 19 ? -1.407  0.202   2.594   1.00 9.92  ? 19   LEU B O   1 
ATOM   413 C  CB  . LEU B 1 19 ? -3.357  -1.942  1.076   1.00 9.63  ? 19   LEU B CB  1 
ATOM   414 C  CG  . LEU B 1 19 ? -2.161  -1.891  0.152   1.00 7.97  ? 19   LEU B CG  1 
ATOM   415 C  CD1 . LEU B 1 19 ? -1.019  -2.743  0.719   1.00 8.12  ? 19   LEU B CD1 1 
ATOM   416 C  CD2 . LEU B 1 19 ? -2.525  -2.370  -1.234  1.00 6.55  ? 19   LEU B CD2 1 
ATOM   417 N  N   . ASN B 1 20 ? -3.459  1.021   2.227   1.00 10.29 ? 20   ASN B N   1 
ATOM   418 C  CA  . ASN B 1 20 ? -2.972  2.387   2.195   1.00 10.71 ? 20   ASN B CA  1 
ATOM   419 C  C   . ASN B 1 20 ? -2.414  2.773   3.558   1.00 10.64 ? 20   ASN B C   1 
ATOM   420 O  O   . ASN B 1 20 ? -1.455  3.543   3.615   1.00 10.58 ? 20   ASN B O   1 
ATOM   421 C  CB  . ASN B 1 20 ? -4.096  3.315   1.754   1.00 9.99  ? 20   ASN B CB  1 
ATOM   422 C  CG  . ASN B 1 20 ? -4.344  3.247   0.235   1.00 12.76 ? 20   ASN B CG  1 
ATOM   423 O  OD1 . ASN B 1 20 ? -3.419  3.006   -0.556  1.00 17.15 ? 20   ASN B OD1 1 
ATOM   424 N  ND2 . ASN B 1 20 ? -5.569  3.531   -0.176  1.00 15.97 ? 20   ASN B ND2 1 
ATOM   425 N  N   . GLU B 1 21 ? -2.984  2.227   4.632   1.00 9.99  ? 21   GLU B N   1 
ATOM   426 C  CA  . GLU B 1 21 ? -2.454  2.496   5.985   1.00 9.97  ? 21   GLU B CA  1 
ATOM   427 C  C   . GLU B 1 21 ? -1.069  1.859   6.145   1.00 9.47  ? 21   GLU B C   1 
ATOM   428 O  O   . GLU B 1 21 ? -0.178  2.480   6.738   1.00 9.46  ? 21   GLU B O   1 
ATOM   429 C  CB  . GLU B 1 21 ? -3.389  2.002   7.100   1.00 10.40 ? 21   GLU B CB  1 
ATOM   430 C  CG  . GLU B 1 21 ? -2.863  2.411   8.450   1.00 12.24 ? 21   GLU B CG  1 
ATOM   431 C  CD  . GLU B 1 21 ? -3.807  2.166   9.583   1.00 15.64 ? 21   GLU B CD  1 
ATOM   432 O  OE1 . GLU B 1 21 ? -4.682  1.278   9.453   1.00 12.31 ? 21   GLU B OE1 1 
ATOM   433 O  OE2 . GLU B 1 21 ? -3.616  2.855   10.607  1.00 18.47 ? 21   GLU B OE2 1 
ATOM   434 N  N   . VAL B 1 22 ? -0.901  0.630   5.632   1.00 9.07  ? 22   VAL B N   1 
ATOM   435 C  CA  . VAL B 1 22 ? 0.420   -0.013  5.621   1.00 8.94  ? 22   VAL B CA  1 
ATOM   436 C  C   . VAL B 1 22 ? 1.444   0.905   4.968   1.00 9.87  ? 22   VAL B C   1 
ATOM   437 O  O   . VAL B 1 22 ? 2.524   1.192   5.562   1.00 10.92 ? 22   VAL B O   1 
ATOM   438 C  CB  . VAL B 1 22 ? 0.435   -1.390  4.914   1.00 8.36  ? 22   VAL B CB  1 
ATOM   439 C  CG1 . VAL B 1 22 ? 1.825   -1.969  4.895   1.00 7.97  ? 22   VAL B CG1 1 
ATOM   440 C  CG2 . VAL B 1 22 ? -0.476  -2.381  5.629   1.00 8.18  ? 22   VAL B CG2 1 
ATOM   441 N  N   . ALA B 1 23 ? 1.145   1.382   3.755   1.00 8.82  ? 23   ALA B N   1 
ATOM   442 C  CA  . ALA B 1 23 ? 2.128   2.227   3.070   1.00 8.81  ? 23   ALA B CA  1 
ATOM   443 C  C   . ALA B 1 23 ? 2.413   3.525   3.833   1.00 9.99  ? 23   ALA B C   1 
ATOM   444 O  O   . ALA B 1 23 ? 3.586   3.942   3.956   1.00 9.64  ? 23   ALA B O   1 
ATOM   445 C  CB  . ALA B 1 23 ? 1.673   2.524   1.682   1.00 9.37  ? 23   ALA B CB  1 
ATOM   446 N  N   . LYS B 1 24 ? 1.361   4.192   4.282   1.00 9.43  ? 24   LYS B N   1 
ATOM   447 C  CA  . LYS B 1 24 ? 1.503   5.441   5.056   1.00 9.46  ? 24   LYS B CA  1 
ATOM   448 C  C   . LYS B 1 24 ? 2.337   5.232   6.313   1.00 10.08 ? 24   LYS B C   1 
ATOM   449 O  O   . LYS B 1 24 ? 3.244   6.032   6.622   1.00 9.21  ? 24   LYS B O   1 
ATOM   450 C  CB  . LYS B 1 24 ? 0.099   5.974   5.415   1.00 9.97  ? 24   LYS B CB  1 
ATOM   451 C  CG  . LYS B 1 24 ? 0.103   7.256   6.260   1.00 12.74 ? 24   LYS B CG  1 
ATOM   452 C  CD  . LYS B 1 24 ? -1.328  7.701   6.513   1.00 21.50 ? 24   LYS B CD  1 
ATOM   453 C  CE  . LYS B 1 24 ? -1.603  7.777   8.018   1.00 26.69 ? 24   LYS B CE  1 
ATOM   454 N  NZ  . LYS B 1 24 ? -1.894  6.374   8.508   1.00 28.90 ? 24   LYS B NZ  1 
ATOM   455 N  N   . ASN B 1 25 ? 2.011   4.197   7.077   1.00 8.81  ? 25   ASN B N   1 
ATOM   456 C  CA  . ASN B 1 25 ? 2.729   3.975   8.341   1.00 8.72  ? 25   ASN B CA  1 
ATOM   457 C  C   . ASN B 1 25 ? 4.180   3.533   8.109   1.00 9.00  ? 25   ASN B C   1 
ATOM   458 O  O   . ASN B 1 25 ? 5.072   3.922   8.873   1.00 8.36  ? 25   ASN B O   1 
ATOM   459 C  CB  . ASN B 1 25 ? 1.976   2.959   9.194   1.00 8.94  ? 25   ASN B CB  1 
ATOM   460 C  CG  . ASN B 1 25 ? 0.643   3.506   9.704   1.00 10.36 ? 25   ASN B CG  1 
ATOM   461 O  OD1 . ASN B 1 25 ? 0.346   4.704   9.578   1.00 10.24 ? 25   ASN B OD1 1 
ATOM   462 N  ND2 . ASN B 1 25 ? -0.139  2.646   10.351  1.00 13.80 ? 25   ASN B ND2 1 
ATOM   463 N  N   . LEU B 1 26 ? 4.435   2.738   7.059   1.00 9.10  ? 26   LEU B N   1 
ATOM   464 C  CA  . LEU B 1 26 ? 5.825   2.409   6.717   1.00 7.84  ? 26   LEU B CA  1 
ATOM   465 C  C   . LEU B 1 26 ? 6.586   3.655   6.341   1.00 8.55  ? 26   LEU B C   1 
ATOM   466 O  O   . LEU B 1 26 ? 7.747   3.814   6.735   1.00 8.28  ? 26   LEU B O   1 
ATOM   467 C  CB  . LEU B 1 26 ? 5.885   1.388   5.575   1.00 7.85  ? 26   LEU B CB  1 
ATOM   468 C  CG  . LEU B 1 26 ? 5.593   -0.042  6.037   1.00 7.19  ? 26   LEU B CG  1 
ATOM   469 C  CD1 . LEU B 1 26 ? 5.519   -0.907  4.760   1.00 9.41  ? 26   LEU B CD1 1 
ATOM   470 C  CD2 . LEU B 1 26 ? 6.635   -0.655  7.059   1.00 6.99  ? 26   LEU B CD2 1 
ATOM   471 N  N   . ASN B 1 27 ? 5.932   4.563   5.614   1.00 8.36  ? 27   ASN B N   1 
ATOM   472 C  CA  . ASN B 1 27 ? 6.593   5.803   5.247   1.00 9.22  ? 27   ASN B CA  1 
ATOM   473 C  C   . ASN B 1 27 ? 6.968   6.607   6.515   1.00 9.07  ? 27   ASN B C   1 
ATOM   474 O  O   . ASN B 1 27 ? 8.012   7.245   6.565   1.00 7.96  ? 27   ASN B O   1 
ATOM   475 C  CB  . ASN B 1 27 ? 5.700   6.631   4.321   1.00 8.33  ? 27   ASN B CB  1 
ATOM   476 C  CG  . ASN B 1 27 ? 6.360   7.869   3.874   1.00 12.04 ? 27   ASN B CG  1 
ATOM   477 O  OD1 . ASN B 1 27 ? 7.365   7.853   3.131   1.00 12.41 ? 27   ASN B OD1 1 
ATOM   478 N  ND2 . ASN B 1 27 ? 5.843   8.987   4.359   1.00 14.77 ? 27   ASN B ND2 1 
ATOM   479 N  N   . GLU B 1 28 ? 6.102   6.577   7.532   1.00 9.01  ? 28   GLU B N   1 
ATOM   480 C  CA  . GLU B 1 28 ? 6.424   7.334   8.763   1.00 10.14 ? 28   GLU B CA  1 
ATOM   481 C  C   . GLU B 1 28 ? 7.636   6.731   9.475   1.00 9.24  ? 28   GLU B C   1 
ATOM   482 O  O   . GLU B 1 28 ? 8.463   7.462   10.012  1.00 9.20  ? 28   GLU B O   1 
ATOM   483 C  CB  . GLU B 1 28 ? 5.221   7.371   9.713   1.00 10.78 ? 28   GLU B CB  1 
ATOM   484 C  CG  . GLU B 1 28 ? 4.111   8.229   9.185   1.00 15.48 ? 28   GLU B CG  1 
ATOM   485 C  CD  . GLU B 1 28 ? 2.911   8.282   10.115  1.00 22.91 ? 28   GLU B CD  1 
ATOM   486 O  OE1 . GLU B 1 28 ? 2.927   7.604   11.177  1.00 24.87 ? 28   GLU B OE1 1 
ATOM   487 O  OE2 . GLU B 1 28 ? 1.950   9.008   9.769   1.00 26.08 ? 28   GLU B OE2 1 
ATOM   488 N  N   . SER B 1 29 ? 7.775   5.406   9.424   1.00 9.06  ? 29   SER B N   1 
ATOM   489 C  CA  . SER B 1 29 ? 8.922   4.722   9.999   1.00 10.61 ? 29   SER B CA  1 
ATOM   490 C  C   . SER B 1 29 ? 10.178  5.009   9.193   1.00 10.59 ? 29   SER B C   1 
ATOM   491 O  O   . SER B 1 29 ? 11.261  5.115   9.750   1.00 11.09 ? 29   SER B O   1 
ATOM   492 C  CB  . SER B 1 29 ? 8.685   3.218   10.081  1.00 10.91 ? 29   SER B CB  1 
ATOM   493 O  OG  . SER B 1 29 ? 7.854   2.946   11.200  1.00 15.57 ? 29   SER B OG  1 
ATOM   494 N  N   . LEU B 1 30 ? 10.026  5.158   7.881   1.00 10.78 ? 30   LEU B N   1 
ATOM   495 C  CA  . LEU B 1 30 ? 11.151  5.480   6.991   1.00 11.49 ? 30   LEU B CA  1 
ATOM   496 C  C   . LEU B 1 30 ? 11.714  6.833   7.381   1.00 11.08 ? 30   LEU B C   1 
ATOM   497 O  O   . LEU B 1 30 ? 12.931  7.008   7.430   1.00 10.08 ? 30   LEU B O   1 
ATOM   498 C  CB  . LEU B 1 30 ? 10.665  5.484   5.538   1.00 13.25 ? 30   LEU B CB  1 
ATOM   499 C  CG  . LEU B 1 30 ? 11.505  5.150   4.307   1.00 18.34 ? 30   LEU B CG  1 
ATOM   500 C  CD1 . LEU B 1 30 ? 11.515  3.662   4.166   1.00 20.46 ? 30   LEU B CD1 1 
ATOM   501 C  CD2 . LEU B 1 30 ? 10.839  5.732   3.090   1.00 20.55 ? 30   LEU B CD2 1 
ATOM   502 N  N   . ILE B 1 31 ? 10.842  7.792   7.700   1.00 10.34 ? 31   ILE B N   1 
ATOM   503 C  CA  . ILE B 1 31 ? 11.298  9.121   8.112   1.00 10.59 ? 31   ILE B CA  1 
ATOM   504 C  C   . ILE B 1 31 ? 12.031  9.018   9.440   1.00 10.89 ? 31   ILE B C   1 
ATOM   505 O  O   . ILE B 1 31 ? 13.068  9.637   9.621   1.00 11.09 ? 31   ILE B O   1 
ATOM   506 C  CB  . ILE B 1 31 ? 10.103  10.139  8.244   1.00 10.61 ? 31   ILE B CB  1 
ATOM   507 C  CG1 . ILE B 1 31 ? 9.499   10.436  6.876   1.00 11.18 ? 31   ILE B CG1 1 
ATOM   508 C  CG2 . ILE B 1 31 ? 10.575  11.427  8.931   1.00 10.79 ? 31   ILE B CG2 1 
ATOM   509 C  CD1 . ILE B 1 31 ? 8.078   11.025  6.949   1.00 13.75 ? 31   ILE B CD1 1 
ATOM   510 N  N   . ASP B 1 32 ? 11.491  8.221   10.364  1.00 11.34 ? 32   ASP B N   1 
ATOM   511 C  CA  . ASP B 1 32 ? 12.139  8.012   11.669  1.00 11.72 ? 32   ASP B CA  1 
ATOM   512 C  C   . ASP B 1 32 ? 13.551  7.462   11.419  1.00 11.90 ? 32   ASP B C   1 
ATOM   513 O  O   . ASP B 1 32 ? 14.515  7.929   12.027  1.00 11.42 ? 32   ASP B O   1 
ATOM   514 C  CB  . ASP B 1 32 ? 11.356  7.010   12.556  1.00 12.58 ? 32   ASP B CB  1 
ATOM   515 C  CG  . ASP B 1 32 ? 9.982   7.538   13.053  1.00 15.21 ? 32   ASP B CG  1 
ATOM   516 O  OD1 . ASP B 1 32 ? 9.793   8.757   13.233  1.00 15.32 ? 32   ASP B OD1 1 
ATOM   517 O  OD2 . ASP B 1 32 ? 9.027   6.764   13.321  1.00 15.29 ? 32   ASP B OD2 1 
ATOM   518 N  N   . LEU B 1 33 ? 13.675  6.480   10.523  1.00 10.92 ? 33   LEU B N   1 
ATOM   519 C  CA  . LEU B 1 33 ? 14.990  5.864   10.221  1.00 12.11 ? 33   LEU B CA  1 
ATOM   520 C  C   . LEU B 1 33 ? 15.960  6.783   9.431   1.00 12.82 ? 33   LEU B C   1 
ATOM   521 O  O   . LEU B 1 33 ? 17.164  6.799   9.723   1.00 13.61 ? 33   LEU B O   1 
ATOM   522 C  CB  . LEU B 1 33 ? 14.811  4.547   9.455   1.00 11.80 ? 33   LEU B CB  1 
ATOM   523 C  CG  . LEU B 1 33 ? 14.280  3.344   10.240  1.00 11.11 ? 33   LEU B CG  1 
ATOM   524 C  CD1 . LEU B 1 33 ? 13.865  2.327   9.216   1.00 11.88 ? 33   LEU B CD1 1 
ATOM   525 C  CD2 . LEU B 1 33 ? 15.336  2.794   11.225  1.00 10.27 ? 33   LEU B CD2 1 
ATOM   526 N  N   . GLN B 1 34 ? 15.437  7.494   8.421   1.00 13.99 ? 34   GLN B N   1 
ATOM   527 C  CA  . GLN B 1 34 ? 16.210  8.433   7.587   1.00 14.77 ? 34   GLN B CA  1 
ATOM   528 C  C   . GLN B 1 34 ? 16.825  9.454   8.480   1.00 15.41 ? 34   GLN B C   1 
ATOM   529 O  O   . GLN B 1 34 ? 17.932  9.941   8.207   1.00 15.08 ? 34   GLN B O   1 
ATOM   530 C  CB  . GLN B 1 34 ? 15.327  9.188   6.604   1.00 15.75 ? 34   GLN B CB  1 
ATOM   531 C  CG  . GLN B 1 34 ? 14.990  8.479   5.335   1.00 17.92 ? 34   GLN B CG  1 
ATOM   532 C  CD  . GLN B 1 34 ? 14.487  9.436   4.276   1.00 21.58 ? 34   GLN B CD  1 
ATOM   533 O  OE1 . GLN B 1 34 ? 15.277  9.977   3.498   1.00 24.15 ? 34   GLN B OE1 1 
ATOM   534 N  NE2 . GLN B 1 34 ? 13.176  9.658   4.249   1.00 23.47 ? 34   GLN B NE2 1 
ATOM   535 N  N   . GLU B 1 35 ? 16.114  9.811   9.543   1.00 16.23 ? 35   GLU B N   1 
ATOM   536 C  CA  . GLU B 1 35 ? 16.653  10.797  10.464  1.00 17.28 ? 35   GLU B CA  1 
ATOM   537 C  C   . GLU B 1 35 ? 17.796  10.248  11.310  1.00 17.63 ? 35   GLU B C   1 
ATOM   538 O  O   . GLU B 1 35 ? 18.717  10.973  11.597  1.00 18.31 ? 35   GLU B O   1 
ATOM   539 C  CB  . GLU B 1 35 ? 15.553  11.495  11.272  1.00 17.52 ? 35   GLU B CB  1 
ATOM   540 C  CG  . GLU B 1 35 ? 14.607  12.325  10.385  1.00 17.88 ? 35   GLU B CG  1 
ATOM   541 C  CD  . GLU B 1 35 ? 15.338  13.353  9.514   1.00 18.80 ? 35   GLU B CD  1 
ATOM   542 O  OE1 . GLU B 1 35 ? 15.362  13.222  8.264   1.00 18.08 ? 35   GLU B OE1 1 
ATOM   543 O  OE2 . GLU B 1 35 ? 15.894  14.299  10.081  1.00 17.91 ? 35   GLU B OE2 1 
ATOM   544 N  N   . LEU B 1 36 ? 17.726  8.973   11.696  1.00 17.72 ? 36   LEU B N   1 
ATOM   545 C  CA  . LEU B 1 36 ? 18.864  8.279   12.299  1.00 18.16 ? 36   LEU B CA  1 
ATOM   546 C  C   . LEU B 1 36 ? 19.882  8.051   11.182  1.00 17.85 ? 36   LEU B C   1 
ATOM   547 O  O   . LEU B 1 36 ? 21.096  8.171   11.391  1.00 18.90 ? 36   LEU B O   1 
ATOM   548 C  CB  . LEU B 1 36 ? 18.433  6.913   12.851  1.00 18.80 ? 36   LEU B CB  1 
ATOM   549 C  CG  . LEU B 1 36 ? 18.021  6.539   14.287  1.00 19.57 ? 36   LEU B CG  1 
ATOM   550 C  CD1 . LEU B 1 36 ? 17.063  7.514   14.956  1.00 19.83 ? 36   LEU B CD1 1 
ATOM   551 C  CD2 . LEU B 1 36 ? 17.420  5.113   14.265  1.00 17.94 ? 36   LEU B CD2 1 
HETATM 552 CL CL  . CL  C 2 .  ? -6.229  -2.560  11.012  0.25 23.40 ? 1001 CL  B CL  1 
HETATM 553 O  O   . HOH D 3 .  ? -9.908  -6.693  -12.506 1.00 23.23 ? 45   HOH A O   1 
HETATM 554 O  O   . HOH D 3 .  ? 14.341  2.528   -2.879  1.00 23.99 ? 46   HOH A O   1 
HETATM 555 O  O   . HOH D 3 .  ? 13.244  -4.198  -0.623  1.00 28.06 ? 47   HOH A O   1 
HETATM 556 O  O   . HOH D 3 .  ? 4.583   3.225   -6.718  1.00 29.83 ? 48   HOH A O   1 
HETATM 557 O  O   . HOH D 3 .  ? 8.502   -6.987  -3.603  1.00 29.77 ? 49   HOH A O   1 
HETATM 558 O  O   . HOH D 3 .  ? 3.730   -3.732  -7.092  1.00 24.94 ? 50   HOH A O   1 
HETATM 559 O  O   . HOH D 3 .  ? -6.273  3.111   -9.463  1.00 31.94 ? 51   HOH A O   1 
HETATM 560 O  O   . HOH D 3 .  ? 5.632   5.177   -3.377  1.00 32.83 ? 52   HOH A O   1 
HETATM 561 O  O   . HOH D 3 .  ? -5.850  -5.991  -9.394  1.00 36.69 ? 53   HOH A O   1 
HETATM 562 O  O   . HOH D 3 .  ? -15.971 -4.565  -15.587 1.00 32.09 ? 54   HOH A O   1 
HETATM 563 O  O   . HOH D 3 .  ? -14.370 -6.611  -16.529 1.00 34.59 ? 55   HOH A O   1 
HETATM 564 O  O   . HOH D 3 .  ? -1.470  3.997   -4.888  1.00 29.40 ? 56   HOH A O   1 
HETATM 565 O  O   . HOH D 3 .  ? 2.439   3.420   -8.216  1.00 42.33 ? 57   HOH A O   1 
HETATM 566 O  O   . HOH D 3 .  ? -9.791  3.321   -2.831  1.00 41.99 ? 58   HOH A O   1 
HETATM 567 O  O   . HOH D 3 .  ? 20.560  -2.776  6.553   1.00 35.42 ? 59   HOH A O   1 
HETATM 568 O  O   . HOH D 3 .  ? -8.274  -3.586  -14.280 1.00 31.93 ? 60   HOH A O   1 
HETATM 569 O  O   . HOH D 3 .  ? 6.835   2.184   -8.615  1.00 49.16 ? 61   HOH A O   1 
HETATM 570 O  O   . HOH D 3 .  ? 18.070  4.630   -4.852  1.00 44.41 ? 62   HOH A O   1 
HETATM 571 O  O   . HOH D 3 .  ? -9.874  -5.779  -16.518 1.00 35.65 ? 63   HOH A O   1 
HETATM 572 O  O   . HOH D 3 .  ? -5.409  4.727   -7.443  1.00 36.30 ? 64   HOH A O   1 
HETATM 573 O  O   . HOH D 3 .  ? 5.590   -5.880  -6.945  0.50 34.07 ? 65   HOH A O   1 
HETATM 574 O  O   . HOH D 3 .  ? 6.971   -0.100  -7.773  1.00 37.87 ? 66   HOH A O   1 
HETATM 575 O  O   . HOH D 3 .  ? -26.845 -6.241  -10.710 1.00 50.34 ? 67   HOH A O   1 
HETATM 576 O  O   . HOH D 3 .  ? -1.293  -3.905  -13.130 1.00 30.20 ? 68   HOH A O   1 
HETATM 577 O  O   . HOH D 3 .  ? 15.994  0.694   -4.555  1.00 34.45 ? 69   HOH A O   1 
HETATM 578 O  O   . HOH D 3 .  ? -3.609  -3.838  -14.388 0.50 37.60 ? 70   HOH A O   1 
HETATM 579 O  O   . HOH D 3 .  ? 9.569   -0.717  -6.243  1.00 43.35 ? 71   HOH A O   1 
HETATM 580 O  O   . HOH D 3 .  ? 13.121  6.938   1.210   1.00 50.53 ? 72   HOH A O   1 
HETATM 581 O  O   . HOH D 3 .  ? 24.880  2.703   12.560  1.00 38.76 ? 73   HOH A O   1 
HETATM 582 O  O   . HOH D 3 .  ? 29.084  -4.436  12.521  1.00 40.89 ? 74   HOH A O   1 
HETATM 583 O  O   . HOH D 3 .  ? -25.285 -8.213  -9.468  1.00 51.65 ? 75   HOH A O   1 
HETATM 584 O  O   . HOH D 3 .  ? 10.728  -9.087  -4.691  1.00 45.45 ? 76   HOH A O   1 
HETATM 585 O  O   . HOH D 3 .  ? -4.190  3.926   -5.442  1.00 37.17 ? 77   HOH A O   1 
HETATM 586 O  O   . HOH D 3 .  ? 0.243   5.891   -11.393 1.00 65.68 ? 78   HOH A O   1 
HETATM 587 O  O   . HOH D 3 .  ? 10.920  1.563   -6.509  1.00 39.62 ? 79   HOH A O   1 
HETATM 588 O  O   . HOH D 3 .  ? 15.227  5.794   0.150   1.00 39.04 ? 80   HOH A O   1 
HETATM 589 O  O   . HOH D 3 .  ? 15.282  4.969   -2.846  1.00 38.18 ? 81   HOH A O   1 
HETATM 590 O  O   . HOH D 3 .  ? 13.721  -5.799  -3.952  1.00 48.67 ? 82   HOH A O   1 
HETATM 591 O  O   . HOH D 3 .  ? 3.251   6.131   0.925   1.00 44.38 ? 83   HOH A O   1 
HETATM 592 O  O   . HOH D 3 .  ? -24.446 -12.592 -8.618  1.00 50.99 ? 84   HOH A O   1 
HETATM 593 O  O   . HOH D 3 .  ? 5.679   -2.127  -8.646  1.00 46.00 ? 85   HOH A O   1 
HETATM 594 O  O   . HOH D 3 .  ? 12.814  -10.484 -3.214  1.00 48.23 ? 86   HOH A O   1 
HETATM 595 O  O   . HOH E 3 .  ? 3.258   8.848   5.839   1.00 28.55 ? 1002 HOH B O   1 
HETATM 596 O  O   . HOH E 3 .  ? -12.320 -6.974  4.034   1.00 29.20 ? 1003 HOH B O   1 
HETATM 597 O  O   . HOH E 3 .  ? 9.323   3.985   13.348  1.00 28.48 ? 1004 HOH B O   1 
HETATM 598 O  O   . HOH E 3 .  ? -6.462  4.082   4.837   1.00 33.99 ? 1005 HOH B O   1 
HETATM 599 O  O   . HOH E 3 .  ? -15.470 -0.849  2.695   1.00 29.86 ? 1006 HOH B O   1 
HETATM 600 O  O   . HOH E 3 .  ? -0.996  5.728   1.651   1.00 39.39 ? 1007 HOH B O   1 
HETATM 601 O  O   . HOH E 3 .  ? -17.103 0.526   1.419   1.00 43.16 ? 1008 HOH B O   1 
HETATM 602 O  O   . HOH E 3 .  ? 7.568   9.952   10.944  1.00 36.02 ? 1009 HOH B O   1 
HETATM 603 O  O   . HOH E 3 .  ? -17.293 0.053   -1.317  1.00 33.28 ? 1010 HOH B O   1 
HETATM 604 O  O   . HOH E 3 .  ? -4.493  5.458   5.931   1.00 39.79 ? 1011 HOH B O   1 
HETATM 605 O  O   . HOH E 3 .  ? 4.974   3.171   11.612  1.00 38.16 ? 1012 HOH B O   1 
HETATM 606 O  O   . HOH E 3 .  ? -20.647 -2.286  -3.251  1.00 50.93 ? 1013 HOH B O   1 
HETATM 607 O  O   . HOH E 3 .  ? -3.970  5.675   10.090  1.00 49.32 ? 1014 HOH B O   1 
HETATM 608 O  O   . HOH E 3 .  ? -15.878 1.447   -2.744  1.00 42.45 ? 1015 HOH B O   1 
HETATM 609 O  O   . HOH E 3 .  ? -11.905 1.577   6.398   0.50 29.06 ? 1016 HOH B O   1 
HETATM 610 O  O   . HOH E 3 .  ? -6.760  1.184   7.838   1.00 47.31 ? 1017 HOH B O   1 
HETATM 611 O  O   . HOH E 3 .  ? 0.021   6.680   13.416  0.50 43.13 ? 1018 HOH B O   1 
HETATM 612 O  O   . HOH E 3 .  ? -19.623 -7.020  2.514   1.00 43.05 ? 1019 HOH B O   1 
HETATM 613 O  O   . HOH E 3 .  ? -8.005  3.843   0.579   1.00 38.57 ? 1020 HOH B O   1 
HETATM 614 O  O   . HOH E 3 .  ? 13.517  11.994  6.766   1.00 46.65 ? 1021 HOH B O   1 
HETATM 615 O  O   . HOH E 3 .  ? -12.998 4.123   1.671   1.00 53.94 ? 1022 HOH B O   1 
HETATM 616 O  O   . HOH E 3 .  ? 7.047   7.062   0.184   1.00 41.88 ? 1023 HOH B O   1 
HETATM 617 O  O   . HOH E 3 .  ? -13.650 0.733   3.826   1.00 44.79 ? 1024 HOH B O   1 
HETATM 618 O  O   . HOH E 3 .  ? -12.225 5.864   3.623   1.00 54.68 ? 1025 HOH B O   1 
HETATM 619 O  O   . HOH E 3 .  ? 22.853  9.157   8.458   1.00 54.39 ? 1026 HOH B O   1 
HETATM 620 O  O   . HOH E 3 .  ? 7.504   9.853   13.774  1.00 52.05 ? 1027 HOH B O   1 
HETATM 621 O  O   . HOH E 3 .  ? -1.567  4.174   -1.639  1.00 40.30 ? 1028 HOH B O   1 
HETATM 622 O  O   . HOH E 3 .  ? 13.899  8.939   14.666  1.00 48.71 ? 1029 HOH B O   1 
HETATM 623 O  O   . HOH E 3 .  ? 17.057  14.544  6.839   1.00 49.70 ? 1030 HOH B O   1 
HETATM 624 O  O   . HOH E 3 .  ? -16.263 -1.636  5.250   1.00 41.11 ? 1031 HOH B O   1 
HETATM 625 O  O   . HOH E 3 .  ? -22.762 -13.694 -10.546 1.00 46.27 ? 1032 HOH B O   1 
# 
